data_4IJP
#
_entry.id   4IJP
#
_cell.length_a   52.140
_cell.length_b   52.540
_cell.length_c   79.130
_cell.angle_alpha   102.560
_cell.angle_beta   105.250
_cell.angle_gamma   92.290
#
_symmetry.space_group_name_H-M   'P 1'
#
loop_
_entity.id
_entity.type
_entity.pdbx_description
1 polymer 'Serine/threonine-protein kinase PRP4 homolog'
2 non-polymer 4-(5-{[(2-chloropyridin-4-yl)methyl]carbamoyl}thiophen-2-yl)-1-benzothiophene-2-carboxamide
3 non-polymer 'SULFATE ION'
4 water water
#
_entity_poly.entity_id   1
_entity_poly.type   'polypeptide(L)'
_entity_poly.pdbx_seq_one_letter_code
;MDFKENPNLRDNWTDAEGYYRVNIGEVLDKRYNVYGYTGQGVFSNVVRARDNARANQEVAVKIIRNNELMQKTGLKELEF
LKKLNDADPDDKFHCLRLFRHFYHKQHLCLVFEPLSMNLREVLKKYGKDVGLHIKAVRSYSQQLFLALKLLKRCNILHAD
IKPDNILVNESKTILKLCDFGSASHVADNDITP(PTR)LVSRFYRAPEIIIGKSYDYGIDMWSVGCTLYELYTGKILFPG
KTNNHMLKLAMDLKGKMPNKMIRKGVFKDQHFDQNLNFMYIEVDKVTEREKVTVMSTINPTKDLLADLIGCQRLPEDQRK
KVHQLKDLLDQILMLDPAKRISINQALQHAFIQEKIHHHHHH
;
_entity_poly.pdbx_strand_id   A,B
#
loop_
_chem_comp.id
_chem_comp.type
_chem_comp.name
_chem_comp.formula
1EH non-polymer 4-(5-{[(2-chloropyridin-4-yl)methyl]carbamoyl}thiophen-2-yl)-1-benzothiophene-2-carboxamide 'C20 H14 Cl N3 O2 S2'
SO4 non-polymer 'SULFATE ION' 'O4 S -2'
#
# COMPACT_ATOMS: atom_id res chain seq x y z
N ASP A 15 13.26 23.35 -17.10
CA ASP A 15 13.66 24.24 -18.18
C ASP A 15 14.31 25.54 -17.65
N ALA A 16 13.95 26.71 -18.21
CA ALA A 16 14.49 28.02 -17.82
C ALA A 16 14.08 28.45 -16.41
N GLU A 17 12.81 28.20 -16.03
CA GLU A 17 12.26 28.54 -14.71
C GLU A 17 12.81 27.66 -13.58
N GLY A 18 12.92 26.35 -13.84
CA GLY A 18 13.43 25.38 -12.88
C GLY A 18 12.59 24.12 -12.75
N TYR A 19 11.29 24.21 -13.09
CA TYR A 19 10.31 23.13 -13.03
C TYR A 19 10.63 22.00 -14.02
N TYR A 20 10.21 20.76 -13.71
CA TYR A 20 10.43 19.60 -14.58
C TYR A 20 9.23 19.31 -15.47
N ARG A 21 9.49 19.06 -16.76
CA ARG A 21 8.45 18.72 -17.75
C ARG A 21 8.09 17.24 -17.58
N VAL A 22 7.08 16.98 -16.71
CA VAL A 22 6.61 15.63 -16.38
C VAL A 22 5.80 15.01 -17.53
N ASN A 23 6.05 13.71 -17.81
CA ASN A 23 5.35 12.97 -18.86
C ASN A 23 4.56 11.80 -18.25
N ILE A 24 3.35 11.57 -18.74
CA ILE A 24 2.48 10.47 -18.28
C ILE A 24 2.95 9.17 -18.94
N GLY A 25 3.23 8.17 -18.12
CA GLY A 25 3.71 6.87 -18.57
C GLY A 25 5.20 6.67 -18.34
N GLU A 26 5.89 7.75 -17.92
CA GLU A 26 7.33 7.75 -17.63
C GLU A 26 7.59 7.00 -16.32
N VAL A 27 8.67 6.20 -16.31
CA VAL A 27 9.07 5.40 -15.14
C VAL A 27 10.24 6.09 -14.42
N LEU A 28 9.98 6.54 -13.18
CA LEU A 28 10.98 7.23 -12.34
C LEU A 28 11.66 6.23 -11.40
N ASP A 29 13.00 6.32 -11.28
CA ASP A 29 13.86 5.46 -10.44
C ASP A 29 13.69 3.96 -10.75
N LYS A 30 13.37 3.63 -12.02
CA LYS A 30 13.11 2.28 -12.56
C LYS A 30 11.97 1.52 -11.85
N ARG A 31 11.04 2.27 -11.21
CA ARG A 31 9.91 1.67 -10.47
C ARG A 31 8.61 2.49 -10.43
N TYR A 32 8.71 3.83 -10.35
CA TYR A 32 7.53 4.71 -10.24
C TYR A 32 6.92 5.11 -11.58
N ASN A 33 5.84 4.42 -11.97
CA ASN A 33 5.11 4.68 -13.21
C ASN A 33 4.08 5.78 -12.98
N VAL A 34 4.34 6.97 -13.54
CA VAL A 34 3.46 8.15 -13.42
C VAL A 34 2.21 7.96 -14.28
N TYR A 35 1.02 8.04 -13.65
CA TYR A 35 -0.27 7.88 -14.32
C TYR A 35 -1.12 9.14 -14.39
N GLY A 36 -1.01 9.99 -13.37
CA GLY A 36 -1.76 11.23 -13.29
C GLY A 36 -1.07 12.36 -12.54
N TYR A 37 -1.61 13.58 -12.66
CA TYR A 37 -1.11 14.78 -11.98
C TYR A 37 -1.97 15.09 -10.77
N THR A 38 -1.33 15.59 -9.70
CA THR A 38 -2.02 15.96 -8.45
C THR A 38 -2.63 17.35 -8.61
N GLY A 39 -1.79 18.35 -8.87
CA GLY A 39 -2.21 19.73 -9.06
C GLY A 39 -1.26 20.48 -9.99
N GLN A 40 0.04 20.47 -9.61
CA GLN A 40 1.16 21.08 -10.31
C GLN A 40 1.06 22.58 -10.56
N GLY A 41 1.53 23.33 -9.57
CA GLY A 41 1.60 24.79 -9.54
C GLY A 41 3.06 25.22 -9.62
N VAL A 42 3.84 25.25 -8.51
CA VAL A 42 3.67 25.09 -7.04
C VAL A 42 5.12 25.31 -6.49
N PHE A 43 5.39 25.10 -5.20
CA PHE A 43 6.75 25.26 -4.63
C PHE A 43 7.72 24.24 -5.26
N SER A 44 7.19 23.02 -5.53
CA SER A 44 7.84 21.89 -6.19
C SER A 44 6.76 20.90 -6.66
N ASN A 45 6.60 20.75 -8.00
CA ASN A 45 5.60 19.91 -8.70
C ASN A 45 5.43 18.48 -8.16
N VAL A 46 4.17 18.09 -7.84
CA VAL A 46 3.81 16.77 -7.28
C VAL A 46 3.02 15.91 -8.29
N VAL A 47 3.39 14.61 -8.42
CA VAL A 47 2.74 13.64 -9.32
C VAL A 47 2.27 12.37 -8.60
N ARG A 48 1.28 11.68 -9.22
CA ARG A 48 0.72 10.42 -8.73
C ARG A 48 1.36 9.27 -9.51
N ALA A 49 1.93 8.29 -8.80
CA ALA A 49 2.61 7.14 -9.40
C ALA A 49 2.33 5.81 -8.72
N ARG A 50 2.53 4.71 -9.46
CA ARG A 50 2.39 3.33 -8.97
C ARG A 50 3.77 2.68 -8.95
N ASP A 51 4.16 2.15 -7.79
CA ASP A 51 5.45 1.50 -7.57
C ASP A 51 5.39 0.03 -8.01
N ASN A 52 5.84 -0.26 -9.26
CA ASN A 52 5.85 -1.62 -9.83
C ASN A 52 6.76 -2.61 -9.08
N ALA A 53 7.74 -2.09 -8.32
CA ALA A 53 8.66 -2.87 -7.50
C ALA A 53 7.97 -3.29 -6.19
N ARG A 54 6.84 -2.64 -5.85
CA ARG A 54 6.05 -2.92 -4.63
C ARG A 54 4.56 -3.17 -4.95
N ALA A 55 4.30 -4.18 -5.83
CA ALA A 55 2.97 -4.63 -6.28
C ALA A 55 2.02 -3.51 -6.80
N ASN A 56 2.58 -2.54 -7.54
CA ASN A 56 1.87 -1.38 -8.12
C ASN A 56 1.13 -0.51 -7.10
N GLN A 57 1.68 -0.43 -5.86
CA GLN A 57 1.11 0.40 -4.79
C GLN A 57 1.30 1.88 -5.10
N GLU A 58 0.24 2.67 -4.85
CA GLU A 58 0.22 4.11 -5.10
C GLU A 58 1.16 4.89 -4.18
N VAL A 59 1.82 5.91 -4.75
CA VAL A 59 2.75 6.82 -4.07
C VAL A 59 2.61 8.22 -4.67
N ALA A 60 3.04 9.24 -3.93
CA ALA A 60 3.06 10.63 -4.38
C ALA A 60 4.51 11.06 -4.51
N VAL A 61 4.91 11.56 -5.69
CA VAL A 61 6.29 11.97 -5.93
C VAL A 61 6.37 13.49 -6.10
N LYS A 62 7.13 14.16 -5.21
CA LYS A 62 7.35 15.60 -5.24
C LYS A 62 8.67 15.87 -5.96
N ILE A 63 8.59 16.51 -7.14
CA ILE A 63 9.75 16.85 -7.98
C ILE A 63 10.22 18.26 -7.62
N ILE A 64 11.35 18.36 -6.91
CA ILE A 64 11.98 19.63 -6.49
C ILE A 64 12.61 20.32 -7.71
N ARG A 65 12.41 21.65 -7.84
CA ARG A 65 12.94 22.48 -8.93
C ARG A 65 14.48 22.41 -9.03
N ASN A 66 15.01 22.46 -10.27
CA ASN A 66 16.44 22.36 -10.60
C ASN A 66 17.32 23.49 -10.06
N ASN A 67 16.79 24.73 -9.96
CA ASN A 67 17.54 25.90 -9.47
C ASN A 67 18.02 25.76 -8.02
N GLU A 68 19.19 26.37 -7.72
CA GLU A 68 19.84 26.34 -6.40
C GLU A 68 19.00 26.91 -5.24
N LEU A 69 18.05 27.82 -5.55
CA LEU A 69 17.14 28.42 -4.58
C LEU A 69 16.20 27.38 -3.98
N MET A 70 15.63 26.51 -4.84
CA MET A 70 14.72 25.43 -4.44
C MET A 70 15.44 24.13 -4.08
N GLN A 71 16.66 23.92 -4.61
CA GLN A 71 17.50 22.74 -4.34
C GLN A 71 17.87 22.70 -2.85
N LYS A 72 18.25 23.86 -2.27
CA LYS A 72 18.60 24.02 -0.86
C LYS A 72 17.34 23.84 0.00
N THR A 73 16.18 24.30 -0.51
CA THR A 73 14.85 24.22 0.11
C THR A 73 14.40 22.75 0.19
N GLY A 74 14.64 21.98 -0.88
CA GLY A 74 14.30 20.57 -0.99
C GLY A 74 15.09 19.69 -0.05
N LEU A 75 16.42 19.94 0.06
CA LEU A 75 17.34 19.23 0.96
C LEU A 75 17.03 19.53 2.42
N LYS A 76 16.56 20.76 2.70
CA LYS A 76 16.14 21.24 4.03
C LYS A 76 14.85 20.52 4.42
N GLU A 77 13.91 20.39 3.46
CA GLU A 77 12.62 19.70 3.62
C GLU A 77 12.85 18.21 3.89
N LEU A 78 13.85 17.61 3.21
CA LEU A 78 14.25 16.21 3.35
C LEU A 78 14.76 15.94 4.77
N GLU A 79 15.53 16.91 5.33
CA GLU A 79 16.10 16.85 6.68
C GLU A 79 15.00 16.94 7.75
N PHE A 80 14.02 17.86 7.57
CA PHE A 80 12.91 18.07 8.51
C PHE A 80 11.93 16.89 8.53
N LEU A 81 11.59 16.34 7.35
CA LEU A 81 10.68 15.19 7.22
C LEU A 81 11.25 13.95 7.90
N LYS A 82 12.57 13.72 7.74
CA LYS A 82 13.31 12.59 8.33
C LYS A 82 13.26 12.67 9.87
N LYS A 83 13.55 13.86 10.44
CA LYS A 83 13.55 14.13 11.88
C LYS A 83 12.17 13.93 12.52
N LEU A 84 11.11 14.40 11.85
CA LEU A 84 9.73 14.28 12.33
C LEU A 84 9.20 12.85 12.26
N ASN A 85 9.59 12.08 11.22
CA ASN A 85 9.16 10.68 11.04
C ASN A 85 9.84 9.75 12.04
N ASP A 86 11.15 9.96 12.30
CA ASP A 86 11.94 9.16 13.24
C ASP A 86 11.46 9.32 14.69
N ALA A 87 11.04 10.55 15.05
CA ALA A 87 10.52 10.89 16.39
C ALA A 87 9.10 10.37 16.61
N ASP A 88 8.38 10.03 15.51
CA ASP A 88 7.02 9.50 15.55
C ASP A 88 6.97 8.13 14.83
N PRO A 89 7.45 7.02 15.45
CA PRO A 89 7.43 5.73 14.76
C PRO A 89 6.04 5.13 14.52
N ASP A 90 5.10 5.32 15.48
CA ASP A 90 3.73 4.81 15.40
C ASP A 90 2.81 5.62 14.47
N ASP A 91 3.28 6.81 13.99
CA ASP A 91 2.55 7.74 13.13
C ASP A 91 1.23 8.19 13.77
N LYS A 92 1.34 8.78 14.97
CA LYS A 92 0.19 9.27 15.75
C LYS A 92 0.16 10.79 15.90
N PHE A 93 1.19 11.49 15.39
CA PHE A 93 1.29 12.95 15.47
C PHE A 93 1.04 13.71 14.15
N HIS A 94 0.19 13.13 13.29
CA HIS A 94 -0.33 13.64 12.02
C HIS A 94 0.57 14.51 11.12
N CYS A 95 1.75 13.98 10.77
CA CYS A 95 2.69 14.63 9.86
C CYS A 95 2.95 13.70 8.68
N LEU A 96 3.07 14.29 7.46
CA LEU A 96 3.31 13.56 6.20
C LEU A 96 4.51 12.61 6.31
N ARG A 97 4.33 11.37 5.84
CA ARG A 97 5.39 10.36 5.90
C ARG A 97 6.17 10.28 4.60
N LEU A 98 7.49 10.49 4.70
CA LEU A 98 8.42 10.39 3.58
C LEU A 98 8.89 8.94 3.53
N PHE A 99 8.67 8.28 2.39
CA PHE A 99 9.07 6.89 2.20
C PHE A 99 10.56 6.82 1.92
N ARG A 100 11.02 7.51 0.86
CA ARG A 100 12.42 7.58 0.42
C ARG A 100 12.64 8.74 -0.57
N HIS A 101 13.89 8.94 -1.01
CA HIS A 101 14.25 9.99 -1.97
C HIS A 101 15.20 9.48 -3.05
N PHE A 102 15.16 10.13 -4.23
CA PHE A 102 16.01 9.81 -5.38
C PHE A 102 16.20 11.06 -6.26
N TYR A 103 17.02 10.93 -7.32
CA TYR A 103 17.28 12.01 -8.27
C TYR A 103 16.84 11.59 -9.67
N HIS A 104 16.31 12.55 -10.45
CA HIS A 104 15.85 12.32 -11.82
C HIS A 104 16.02 13.59 -12.65
N LYS A 105 16.94 13.51 -13.64
CA LYS A 105 17.29 14.60 -14.57
C LYS A 105 17.66 15.91 -13.84
N GLN A 106 18.55 15.77 -12.82
CA GLN A 106 19.08 16.82 -11.93
C GLN A 106 18.10 17.31 -10.83
N HIS A 107 16.86 16.78 -10.83
CA HIS A 107 15.82 17.16 -9.86
C HIS A 107 15.74 16.18 -8.71
N LEU A 108 15.63 16.71 -7.47
CA LEU A 108 15.46 15.89 -6.27
C LEU A 108 13.99 15.44 -6.23
N CYS A 109 13.76 14.14 -6.01
CA CYS A 109 12.42 13.57 -5.97
C CYS A 109 12.15 12.90 -4.64
N LEU A 110 11.05 13.31 -3.97
CA LEU A 110 10.65 12.79 -2.67
C LEU A 110 9.43 11.90 -2.80
N VAL A 111 9.53 10.65 -2.31
CA VAL A 111 8.45 9.67 -2.35
C VAL A 111 7.64 9.77 -1.05
N PHE A 112 6.33 10.08 -1.17
CA PHE A 112 5.43 10.26 -0.04
C PHE A 112 4.22 9.29 -0.06
N GLU A 113 3.36 9.40 0.98
CA GLU A 113 2.12 8.64 1.16
C GLU A 113 1.15 8.91 0.01
N PRO A 114 0.32 7.94 -0.41
CA PRO A 114 -0.67 8.24 -1.46
C PRO A 114 -1.91 8.94 -0.90
N LEU A 115 -1.79 10.24 -0.56
CA LEU A 115 -2.90 11.01 0.00
C LEU A 115 -3.79 11.64 -1.08
N SER A 116 -5.11 11.70 -0.80
CA SER A 116 -6.16 12.18 -1.71
C SER A 116 -6.06 13.64 -2.16
N MET A 117 -6.31 14.61 -1.25
CA MET A 117 -6.33 16.05 -1.57
C MET A 117 -6.02 16.92 -0.34
N ASN A 118 -5.82 18.23 -0.55
CA ASN A 118 -5.59 19.20 0.52
C ASN A 118 -6.91 19.77 1.05
N LEU A 119 -6.89 20.41 2.24
CA LEU A 119 -8.10 20.99 2.85
C LEU A 119 -8.73 22.14 2.07
N ARG A 120 -7.94 22.85 1.25
CA ARG A 120 -8.43 23.94 0.39
C ARG A 120 -9.33 23.36 -0.71
N GLU A 121 -8.95 22.18 -1.24
CA GLU A 121 -9.71 21.45 -2.27
C GLU A 121 -11.01 20.86 -1.70
N VAL A 122 -10.99 20.44 -0.42
CA VAL A 122 -12.14 19.89 0.30
C VAL A 122 -13.20 20.98 0.49
N LEU A 123 -12.78 22.20 0.87
CA LEU A 123 -13.65 23.37 1.07
C LEU A 123 -14.35 23.82 -0.22
N LYS A 124 -13.67 23.67 -1.37
CA LYS A 124 -14.20 24.02 -2.71
C LYS A 124 -15.35 23.07 -3.08
N LYS A 125 -15.22 21.79 -2.71
CA LYS A 125 -16.21 20.73 -2.95
C LYS A 125 -17.41 20.85 -1.99
N TYR A 126 -17.21 21.54 -0.84
CA TYR A 126 -18.25 21.75 0.17
C TYR A 126 -19.18 22.92 -0.17
N GLY A 127 -18.68 23.88 -0.96
CA GLY A 127 -19.46 25.03 -1.39
C GLY A 127 -18.91 26.39 -1.01
N LYS A 128 -19.51 27.44 -1.60
CA LYS A 128 -19.15 28.84 -1.37
C LYS A 128 -19.59 29.26 0.03
N ASP A 129 -18.60 29.48 0.93
CA ASP A 129 -18.77 29.88 2.33
C ASP A 129 -19.64 28.90 3.16
N VAL A 130 -19.55 27.60 2.83
CA VAL A 130 -20.30 26.54 3.52
C VAL A 130 -19.49 25.98 4.70
N GLY A 131 -18.26 25.56 4.43
CA GLY A 131 -17.37 24.98 5.43
C GLY A 131 -17.70 23.54 5.75
N LEU A 132 -16.84 22.91 6.57
CA LEU A 132 -16.99 21.51 6.99
C LEU A 132 -17.98 21.38 8.14
N HIS A 133 -18.38 20.13 8.47
CA HIS A 133 -19.27 19.82 9.58
C HIS A 133 -18.49 20.01 10.89
N ILE A 134 -19.18 20.47 11.95
CA ILE A 134 -18.57 20.73 13.27
C ILE A 134 -17.84 19.51 13.87
N LYS A 135 -18.31 18.28 13.56
CA LYS A 135 -17.70 17.01 13.99
C LYS A 135 -16.35 16.81 13.32
N ALA A 136 -16.26 17.12 12.00
CA ALA A 136 -15.03 17.02 11.21
C ALA A 136 -14.03 18.07 11.68
N VAL A 137 -14.50 19.31 11.94
CA VAL A 137 -13.69 20.44 12.45
C VAL A 137 -13.08 20.06 13.81
N ARG A 138 -13.88 19.39 14.68
CA ARG A 138 -13.46 18.90 16.01
C ARG A 138 -12.32 17.88 15.88
N SER A 139 -12.51 16.85 15.03
CA SER A 139 -11.52 15.80 14.77
C SER A 139 -10.25 16.38 14.14
N TYR A 140 -10.42 17.34 13.19
CA TYR A 140 -9.31 18.01 12.51
C TYR A 140 -8.49 18.87 13.46
N SER A 141 -9.15 19.51 14.45
CA SER A 141 -8.50 20.36 15.47
C SER A 141 -7.48 19.55 16.27
N GLN A 142 -7.92 18.39 16.84
CA GLN A 142 -7.11 17.48 17.65
C GLN A 142 -5.89 16.98 16.88
N GLN A 143 -6.07 16.59 15.60
CA GLN A 143 -5.00 16.11 14.71
C GLN A 143 -4.00 17.23 14.41
N LEU A 144 -4.51 18.47 14.22
CA LEU A 144 -3.69 19.67 13.97
C LEU A 144 -2.88 20.01 15.22
N PHE A 145 -3.47 19.84 16.43
CA PHE A 145 -2.81 20.09 17.70
C PHE A 145 -1.77 19.01 18.00
N LEU A 146 -2.02 17.75 17.54
CA LEU A 146 -1.08 16.64 17.70
C LEU A 146 0.15 16.86 16.83
N ALA A 147 -0.04 17.50 15.65
CA ALA A 147 1.03 17.86 14.71
C ALA A 147 1.91 18.96 15.30
N LEU A 148 1.30 19.88 16.06
CA LEU A 148 1.96 20.98 16.77
C LEU A 148 2.83 20.45 17.91
N LYS A 149 2.38 19.37 18.58
CA LYS A 149 3.08 18.71 19.68
C LYS A 149 4.40 18.10 19.19
N LEU A 150 4.39 17.43 18.02
CA LEU A 150 5.56 16.82 17.42
C LEU A 150 6.55 17.87 16.90
N LEU A 151 6.03 18.98 16.33
CA LEU A 151 6.84 20.08 15.82
C LEU A 151 7.61 20.75 16.97
N LYS A 152 6.94 20.93 18.13
CA LYS A 152 7.55 21.52 19.34
C LYS A 152 8.61 20.60 19.94
N ARG A 153 8.31 19.27 19.98
CA ARG A 153 9.21 18.23 20.50
C ARG A 153 10.49 18.14 19.66
N CYS A 154 10.36 18.30 18.32
CA CYS A 154 11.47 18.26 17.38
C CYS A 154 12.14 19.63 17.21
N ASN A 155 11.61 20.67 17.90
CA ASN A 155 12.08 22.07 17.89
C ASN A 155 12.04 22.67 16.47
N ILE A 156 10.99 22.32 15.70
CA ILE A 156 10.76 22.76 14.32
C ILE A 156 9.53 23.66 14.23
N LEU A 157 9.66 24.75 13.47
CA LEU A 157 8.59 25.70 13.16
C LEU A 157 8.18 25.40 11.72
N HIS A 158 6.87 25.12 11.47
CA HIS A 158 6.39 24.82 10.12
C HIS A 158 6.42 26.07 9.24
N ALA A 159 5.95 27.22 9.80
CA ALA A 159 5.90 28.54 9.17
C ALA A 159 5.05 28.67 7.87
N ASP A 160 4.05 27.77 7.67
CA ASP A 160 3.16 27.80 6.51
C ASP A 160 1.89 26.95 6.68
N ILE A 161 1.37 26.86 7.92
CA ILE A 161 0.15 26.09 8.20
C ILE A 161 -1.08 26.81 7.63
N LYS A 162 -1.75 26.17 6.66
CA LYS A 162 -2.93 26.67 5.96
C LYS A 162 -3.67 25.48 5.30
N PRO A 163 -4.96 25.61 4.89
CA PRO A 163 -5.66 24.48 4.26
C PRO A 163 -4.93 23.83 3.07
N ASP A 164 -4.15 24.62 2.31
CA ASP A 164 -3.36 24.18 1.15
C ASP A 164 -2.27 23.19 1.55
N ASN A 165 -1.68 23.38 2.75
CA ASN A 165 -0.59 22.53 3.26
C ASN A 165 -1.02 21.42 4.23
N ILE A 166 -2.33 21.15 4.31
CA ILE A 166 -2.88 20.07 5.15
C ILE A 166 -3.61 19.11 4.22
N LEU A 167 -3.12 17.85 4.14
CA LEU A 167 -3.68 16.82 3.28
C LEU A 167 -4.57 15.85 4.04
N VAL A 168 -5.50 15.20 3.33
CA VAL A 168 -6.42 14.20 3.90
C VAL A 168 -6.41 12.90 3.07
N ASN A 169 -6.78 11.78 3.71
CA ASN A 169 -6.89 10.48 3.04
C ASN A 169 -8.20 10.42 2.22
N GLU A 170 -8.42 9.34 1.44
CA GLU A 170 -9.60 9.16 0.59
C GLU A 170 -10.93 9.27 1.37
N SER A 171 -10.97 8.71 2.59
CA SER A 171 -12.15 8.73 3.46
C SER A 171 -12.33 10.07 4.21
N LYS A 172 -11.30 10.96 4.13
CA LYS A 172 -11.24 12.29 4.75
C LYS A 172 -11.29 12.27 6.30
N THR A 173 -10.94 11.12 6.91
CA THR A 173 -10.94 10.97 8.37
C THR A 173 -9.58 11.29 9.02
N ILE A 174 -8.48 11.10 8.27
CA ILE A 174 -7.12 11.34 8.75
C ILE A 174 -6.45 12.47 7.95
N LEU A 175 -5.93 13.48 8.65
CA LEU A 175 -5.18 14.57 8.04
C LEU A 175 -3.69 14.45 8.31
N LYS A 176 -2.88 15.01 7.40
CA LYS A 176 -1.41 15.03 7.51
C LYS A 176 -0.90 16.39 7.07
N LEU A 177 -0.04 17.00 7.92
CA LEU A 177 0.56 18.30 7.62
CA LEU A 177 0.56 18.30 7.62
C LEU A 177 1.71 18.12 6.62
N CYS A 178 1.68 18.87 5.51
CA CYS A 178 2.69 18.79 4.46
C CYS A 178 3.43 20.10 4.20
N ASP A 179 4.36 20.08 3.23
CA ASP A 179 5.20 21.19 2.78
C ASP A 179 6.06 21.81 3.89
N PHE A 180 7.26 21.26 4.07
CA PHE A 180 8.22 21.71 5.08
C PHE A 180 9.36 22.51 4.41
N GLY A 181 9.03 23.17 3.30
CA GLY A 181 9.95 23.99 2.52
C GLY A 181 10.31 25.30 3.19
N SER A 182 9.32 25.96 3.81
CA SER A 182 9.52 27.23 4.51
C SER A 182 9.77 27.01 6.02
N ALA A 183 9.91 25.74 6.43
CA ALA A 183 10.15 25.33 7.82
C ALA A 183 11.54 25.74 8.31
N SER A 184 11.70 25.95 9.63
CA SER A 184 12.96 26.36 10.25
C SER A 184 13.08 25.91 11.71
N HIS A 185 14.33 25.84 12.21
CA HIS A 185 14.66 25.49 13.59
C HIS A 185 14.51 26.71 14.49
N VAL A 186 14.29 26.51 15.80
CA VAL A 186 14.11 27.58 16.80
C VAL A 186 15.30 28.55 16.92
N ALA A 187 16.53 28.02 16.97
CA ALA A 187 17.77 28.80 17.08
C ALA A 187 18.09 29.52 15.76
N ASP A 188 17.60 28.97 14.63
CA ASP A 188 17.79 29.51 13.27
C ASP A 188 16.71 30.54 12.89
N ASN A 189 16.24 31.33 13.87
CA ASN A 189 15.22 32.37 13.68
C ASN A 189 15.76 33.58 12.92
N ASP A 190 14.99 34.06 11.92
CA ASP A 190 15.36 35.20 11.09
C ASP A 190 14.36 36.35 11.23
N ILE A 191 14.89 37.58 11.35
CA ILE A 191 14.07 38.79 11.49
C ILE A 191 13.50 39.24 10.13
N THR A 192 12.31 38.71 9.79
CA THR A 192 11.60 39.00 8.54
C THR A 192 10.08 39.17 8.74
N PRO A 193 9.47 40.25 8.18
CA PRO A 193 8.02 40.42 8.35
C PRO A 193 7.17 39.69 7.29
N PTR A 194 7.82 38.96 6.36
CA PTR A 194 7.13 38.23 5.30
C PTR A 194 7.08 36.72 5.53
O PTR A 194 6.62 35.99 4.65
CB PTR A 194 7.72 38.62 3.93
CG PTR A 194 7.57 40.12 3.66
CD1 PTR A 194 6.35 40.78 3.84
CD2 PTR A 194 8.69 40.84 3.22
CE1 PTR A 194 6.23 42.15 3.59
CE2 PTR A 194 8.59 42.22 2.96
CZ PTR A 194 7.36 42.90 3.16
OH PTR A 194 7.18 44.25 2.90
P PTR A 194 8.00 45.20 3.80
O1P PTR A 194 9.46 45.24 3.32
O2P PTR A 194 7.95 44.80 5.26
O3P PTR A 194 7.44 46.61 3.65
N LEU A 195 7.52 36.26 6.72
CA LEU A 195 7.52 34.86 7.13
C LEU A 195 6.06 34.44 7.38
N VAL A 196 5.65 33.25 6.85
CA VAL A 196 4.28 32.68 6.89
C VAL A 196 3.38 33.39 5.85
N SER A 197 2.51 32.62 5.15
CA SER A 197 1.55 33.15 4.17
C SER A 197 0.69 34.21 4.86
N ARG A 198 0.74 35.45 4.34
CA ARG A 198 0.08 36.67 4.83
C ARG A 198 -1.20 36.51 5.67
N PHE A 199 -2.21 35.77 5.17
CA PHE A 199 -3.49 35.56 5.85
C PHE A 199 -3.39 34.77 7.16
N TYR A 200 -2.34 33.94 7.30
CA TYR A 200 -2.10 33.07 8.45
C TYR A 200 -0.89 33.52 9.27
N ARG A 201 -0.37 34.73 8.96
CA ARG A 201 0.78 35.35 9.60
C ARG A 201 0.41 35.90 10.99
N ALA A 202 1.20 35.51 12.00
CA ALA A 202 1.01 35.92 13.39
C ALA A 202 1.41 37.40 13.61
N PRO A 203 0.82 38.13 14.59
CA PRO A 203 1.20 39.54 14.79
C PRO A 203 2.66 39.79 15.17
N GLU A 204 3.29 38.83 15.91
CA GLU A 204 4.69 38.91 16.34
C GLU A 204 5.70 38.94 15.18
N ILE A 205 5.33 38.33 14.03
CA ILE A 205 6.14 38.31 12.80
C ILE A 205 6.13 39.71 12.17
N ILE A 206 4.92 40.31 12.06
CA ILE A 206 4.69 41.63 11.46
C ILE A 206 5.42 42.75 12.22
N ILE A 207 5.24 42.82 13.56
CA ILE A 207 5.88 43.85 14.39
C ILE A 207 7.40 43.66 14.59
N GLY A 208 7.89 42.43 14.44
CA GLY A 208 9.30 42.10 14.58
C GLY A 208 9.72 41.66 15.97
N LYS A 209 8.79 41.04 16.71
CA LYS A 209 9.01 40.52 18.06
C LYS A 209 9.64 39.13 17.94
N SER A 210 10.31 38.64 19.01
CA SER A 210 10.91 37.30 19.04
C SER A 210 9.79 36.26 19.01
N TYR A 211 9.80 35.40 17.98
CA TYR A 211 8.77 34.38 17.76
C TYR A 211 9.26 32.95 17.99
N ASP A 212 8.30 32.05 18.30
CA ASP A 212 8.56 30.63 18.55
C ASP A 212 7.45 29.75 17.95
N TYR A 213 7.01 28.69 18.68
CA TYR A 213 5.97 27.74 18.26
C TYR A 213 4.57 28.38 18.17
N GLY A 214 4.39 29.54 18.80
CA GLY A 214 3.14 30.31 18.81
C GLY A 214 2.64 30.72 17.45
N ILE A 215 3.56 30.92 16.48
CA ILE A 215 3.24 31.30 15.10
C ILE A 215 2.50 30.18 14.37
N ASP A 216 2.84 28.91 14.71
CA ASP A 216 2.19 27.72 14.17
C ASP A 216 0.82 27.55 14.80
N MET A 217 0.68 27.93 16.10
CA MET A 217 -0.58 27.88 16.85
C MET A 217 -1.57 28.90 16.25
N TRP A 218 -1.09 30.14 15.98
CA TRP A 218 -1.88 31.23 15.38
C TRP A 218 -2.44 30.79 14.03
N SER A 219 -1.58 30.18 13.18
CA SER A 219 -1.94 29.69 11.84
C SER A 219 -3.04 28.62 11.90
N VAL A 220 -3.00 27.72 12.92
CA VAL A 220 -4.00 26.69 13.15
C VAL A 220 -5.36 27.35 13.46
N GLY A 221 -5.34 28.38 14.29
CA GLY A 221 -6.52 29.17 14.64
C GLY A 221 -7.19 29.78 13.44
N CYS A 222 -6.40 30.40 12.55
CA CYS A 222 -6.86 31.00 11.29
C CYS A 222 -7.48 29.93 10.39
N THR A 223 -6.83 28.75 10.33
CA THR A 223 -7.26 27.58 9.54
C THR A 223 -8.57 26.98 10.08
N LEU A 224 -8.70 26.79 11.40
CA LEU A 224 -9.90 26.22 12.03
C LEU A 224 -11.17 27.04 11.80
N TYR A 225 -11.04 28.39 11.78
CA TYR A 225 -12.13 29.31 11.49
C TYR A 225 -12.56 29.12 10.03
N GLU A 226 -11.58 29.05 9.11
CA GLU A 226 -11.76 28.85 7.67
C GLU A 226 -12.37 27.48 7.38
N LEU A 227 -12.01 26.46 8.19
CA LEU A 227 -12.50 25.09 8.06
C LEU A 227 -14.01 24.99 8.30
N TYR A 228 -14.55 25.78 9.25
CA TYR A 228 -15.98 25.79 9.57
C TYR A 228 -16.80 26.82 8.80
N THR A 229 -16.24 28.03 8.57
CA THR A 229 -16.94 29.11 7.86
C THR A 229 -16.83 29.00 6.34
N GLY A 230 -15.72 28.47 5.84
CA GLY A 230 -15.45 28.35 4.40
C GLY A 230 -14.78 29.58 3.81
N LYS A 231 -14.45 30.57 4.67
CA LYS A 231 -13.81 31.83 4.25
C LYS A 231 -12.62 32.24 5.13
N ILE A 232 -11.70 33.03 4.56
CA ILE A 232 -10.48 33.53 5.21
C ILE A 232 -10.83 34.45 6.39
N LEU A 233 -10.22 34.18 7.57
CA LEU A 233 -10.42 34.94 8.80
C LEU A 233 -9.93 36.38 8.67
N PHE A 234 -8.64 36.57 8.31
CA PHE A 234 -8.05 37.88 8.12
C PHE A 234 -7.59 38.04 6.66
N PRO A 235 -8.48 38.44 5.71
CA PRO A 235 -8.05 38.59 4.31
C PRO A 235 -7.34 39.93 4.04
N GLY A 236 -6.29 40.19 4.82
CA GLY A 236 -5.49 41.40 4.75
C GLY A 236 -4.65 41.50 3.48
N LYS A 237 -4.72 42.65 2.81
CA LYS A 237 -3.98 42.92 1.56
C LYS A 237 -2.50 43.22 1.82
N THR A 238 -2.19 43.79 3.00
CA THR A 238 -0.82 44.14 3.43
C THR A 238 -0.59 43.75 4.89
N ASN A 239 0.68 43.86 5.37
CA ASN A 239 1.08 43.57 6.74
C ASN A 239 0.38 44.50 7.75
N ASN A 240 0.17 45.79 7.36
CA ASN A 240 -0.50 46.81 8.16
C ASN A 240 -2.00 46.49 8.30
N HIS A 241 -2.64 46.04 7.21
CA HIS A 241 -4.06 45.67 7.18
C HIS A 241 -4.31 44.41 8.01
N MET A 242 -3.30 43.51 8.08
CA MET A 242 -3.34 42.28 8.87
C MET A 242 -3.44 42.55 10.37
N LEU A 243 -2.70 43.58 10.85
CA LEU A 243 -2.71 43.99 12.25
C LEU A 243 -4.05 44.62 12.63
N LYS A 244 -4.62 45.44 11.71
CA LYS A 244 -5.92 46.11 11.87
C LYS A 244 -7.05 45.09 12.06
N LEU A 245 -7.10 44.05 11.21
CA LEU A 245 -8.10 42.98 11.27
C LEU A 245 -7.96 42.14 12.54
N ALA A 246 -6.71 41.92 13.00
CA ALA A 246 -6.39 41.17 14.22
C ALA A 246 -6.80 42.01 15.44
N MET A 247 -6.64 43.34 15.37
CA MET A 247 -7.01 44.28 16.43
C MET A 247 -8.52 44.57 16.45
N ASP A 248 -9.23 44.26 15.35
CA ASP A 248 -10.69 44.42 15.24
C ASP A 248 -11.43 43.39 16.12
N LEU A 249 -10.73 42.30 16.54
CA LEU A 249 -11.27 41.22 17.35
C LEU A 249 -10.83 41.30 18.82
N LYS A 250 -9.51 41.46 19.08
CA LYS A 250 -8.95 41.47 20.43
C LYS A 250 -8.54 42.85 20.98
N GLY A 251 -8.90 43.91 20.26
CA GLY A 251 -8.58 45.28 20.65
C GLY A 251 -7.14 45.64 20.36
N LYS A 252 -6.71 46.83 20.84
CA LYS A 252 -5.35 47.37 20.67
C LYS A 252 -4.28 46.43 21.26
N MET A 253 -3.16 46.27 20.53
CA MET A 253 -2.00 45.45 20.91
C MET A 253 -1.39 46.00 22.21
N PRO A 254 -1.01 45.14 23.20
CA PRO A 254 -0.42 45.67 24.45
C PRO A 254 0.85 46.50 24.23
N ASN A 255 0.99 47.59 25.00
CA ASN A 255 2.12 48.54 24.94
C ASN A 255 3.48 47.86 25.15
N LYS A 256 3.52 46.82 25.99
CA LYS A 256 4.73 46.03 26.30
C LYS A 256 5.18 45.23 25.07
N MET A 257 4.21 44.74 24.26
CA MET A 257 4.47 43.96 23.05
C MET A 257 5.00 44.84 21.91
N ILE A 258 4.42 46.04 21.70
CA ILE A 258 4.80 46.99 20.65
C ILE A 258 6.28 47.41 20.75
N ARG A 259 6.73 47.79 21.97
CA ARG A 259 8.11 48.20 22.25
C ARG A 259 9.17 47.12 21.97
N LYS A 260 8.78 45.84 22.12
CA LYS A 260 9.66 44.68 21.88
C LYS A 260 9.89 44.40 20.39
N GLY A 261 8.99 44.90 19.54
CA GLY A 261 9.05 44.73 18.08
C GLY A 261 10.07 45.61 17.40
N VAL A 262 10.77 45.06 16.39
CA VAL A 262 11.79 45.75 15.58
C VAL A 262 11.14 46.68 14.55
N PHE A 263 10.10 46.21 13.84
CA PHE A 263 9.37 46.98 12.82
C PHE A 263 8.15 47.73 13.40
N LYS A 264 8.26 48.19 14.67
CA LYS A 264 7.19 48.93 15.36
C LYS A 264 6.89 50.30 14.77
N ASP A 265 7.92 50.97 14.20
CA ASP A 265 7.83 52.31 13.60
C ASP A 265 6.99 52.32 12.30
N GLN A 266 6.92 51.18 11.60
CA GLN A 266 6.17 51.01 10.36
C GLN A 266 4.65 50.95 10.59
N HIS A 267 4.21 50.60 11.82
CA HIS A 267 2.79 50.46 12.16
C HIS A 267 2.31 51.31 13.34
N PHE A 268 3.24 51.70 14.25
CA PHE A 268 2.95 52.49 15.44
C PHE A 268 3.90 53.70 15.57
N ASP A 269 3.48 54.72 16.34
CA ASP A 269 4.26 55.94 16.59
C ASP A 269 4.86 55.97 18.02
N GLN A 270 5.46 57.10 18.43
CA GLN A 270 6.08 57.28 19.75
C GLN A 270 5.08 57.23 20.92
N ASN A 271 3.80 57.56 20.66
CA ASN A 271 2.72 57.56 21.64
C ASN A 271 1.98 56.20 21.70
N LEU A 272 2.54 55.17 21.03
CA LEU A 272 2.03 53.79 20.94
C LEU A 272 0.63 53.67 20.32
N ASN A 273 0.36 54.48 19.27
CA ASN A 273 -0.92 54.49 18.56
C ASN A 273 -0.76 53.94 17.15
N PHE A 274 -1.72 53.10 16.71
CA PHE A 274 -1.71 52.44 15.40
C PHE A 274 -1.90 53.39 14.22
N MET A 275 -1.14 53.15 13.14
CA MET A 275 -1.16 53.93 11.90
C MET A 275 -1.77 53.08 10.77
N TYR A 276 -3.09 53.23 10.55
CA TYR A 276 -3.83 52.48 9.53
C TYR A 276 -3.68 53.13 8.15
N ILE A 277 -3.16 52.35 7.17
CA ILE A 277 -2.94 52.79 5.79
C ILE A 277 -4.14 52.38 4.92
N GLU A 278 -4.67 53.35 4.15
CA GLU A 278 -5.81 53.16 3.25
C GLU A 278 -5.51 53.69 1.85
N VAL A 279 -6.03 53.01 0.82
CA VAL A 279 -5.85 53.37 -0.59
C VAL A 279 -7.02 54.26 -1.09
N ASP A 280 -6.71 55.32 -1.87
CA ASP A 280 -7.63 56.30 -2.46
C ASP A 280 -8.47 57.04 -1.41
N GLU A 284 -4.80 57.26 -6.93
CA GLU A 284 -5.07 56.61 -5.65
C GLU A 284 -3.83 56.63 -4.76
N ARG A 285 -3.83 57.51 -3.75
CA ARG A 285 -2.71 57.69 -2.81
C ARG A 285 -3.04 57.25 -1.38
N GLU A 286 -2.00 56.83 -0.64
CA GLU A 286 -2.06 56.35 0.74
C GLU A 286 -2.50 57.42 1.73
N LYS A 287 -3.45 57.07 2.62
CA LYS A 287 -3.99 57.95 3.67
C LYS A 287 -3.81 57.31 5.04
N VAL A 288 -2.98 57.92 5.91
CA VAL A 288 -2.68 57.40 7.25
C VAL A 288 -3.72 57.89 8.27
N THR A 289 -4.44 56.95 8.91
CA THR A 289 -5.45 57.22 9.93
C THR A 289 -4.87 56.88 11.31
N VAL A 290 -4.74 57.89 12.17
CA VAL A 290 -4.20 57.75 13.53
C VAL A 290 -5.30 57.20 14.45
N MET A 291 -5.04 56.05 15.09
CA MET A 291 -5.99 55.41 15.99
C MET A 291 -5.41 55.23 17.40
N SER A 292 -5.98 55.98 18.37
CA SER A 292 -5.58 55.93 19.78
C SER A 292 -5.97 54.61 20.44
N THR A 293 -7.17 54.09 20.08
CA THR A 293 -7.72 52.82 20.57
C THR A 293 -8.61 52.16 19.51
N ILE A 294 -8.49 50.83 19.37
CA ILE A 294 -9.28 50.04 18.43
C ILE A 294 -10.28 49.20 19.23
N ASN A 295 -11.58 49.53 19.10
CA ASN A 295 -12.66 48.85 19.81
C ASN A 295 -12.98 47.50 19.14
N PRO A 296 -13.18 46.40 19.92
CA PRO A 296 -13.48 45.10 19.29
C PRO A 296 -14.86 45.08 18.63
N THR A 297 -14.88 45.14 17.29
CA THR A 297 -16.08 45.17 16.46
C THR A 297 -16.40 43.83 15.82
N LYS A 298 -15.37 43.02 15.51
CA LYS A 298 -15.51 41.71 14.88
C LYS A 298 -16.21 40.69 15.77
N ASP A 299 -17.43 40.29 15.38
CA ASP A 299 -18.25 39.32 16.12
C ASP A 299 -17.94 37.92 15.57
N LEU A 300 -17.06 37.20 16.27
CA LEU A 300 -16.61 35.86 15.92
C LEU A 300 -17.71 34.81 16.00
N LEU A 301 -18.66 34.97 16.95
CA LEU A 301 -19.79 34.05 17.14
C LEU A 301 -20.78 34.11 15.98
N ALA A 302 -21.18 35.34 15.55
CA ALA A 302 -22.12 35.57 14.45
C ALA A 302 -21.56 35.06 13.11
N ASP A 303 -20.24 35.18 12.90
CA ASP A 303 -19.53 34.72 11.72
C ASP A 303 -19.53 33.19 11.63
N LEU A 304 -19.38 32.51 12.78
CA LEU A 304 -19.36 31.05 12.91
C LEU A 304 -20.73 30.45 12.60
N ILE A 305 -21.80 30.97 13.23
CA ILE A 305 -23.18 30.52 13.03
C ILE A 305 -23.74 30.97 11.67
N GLN A 308 -26.82 30.56 10.45
CA GLN A 308 -27.54 29.33 10.10
C GLN A 308 -28.50 28.86 11.20
N ARG A 309 -28.00 28.77 12.46
CA ARG A 309 -28.72 28.35 13.68
C ARG A 309 -29.40 26.98 13.56
N LEU A 310 -28.69 25.93 14.00
CA LEU A 310 -29.13 24.53 13.97
C LEU A 310 -29.33 23.92 15.40
N PRO A 311 -29.66 22.60 15.60
CA PRO A 311 -29.89 22.08 16.96
C PRO A 311 -28.82 22.30 18.04
N GLU A 312 -29.24 22.17 19.31
CA GLU A 312 -28.42 22.35 20.52
C GLU A 312 -27.13 21.54 20.58
N ASP A 313 -27.12 20.31 20.05
CA ASP A 313 -25.93 19.44 20.02
C ASP A 313 -24.80 20.07 19.21
N GLN A 314 -25.14 20.74 18.09
CA GLN A 314 -24.19 21.43 17.21
C GLN A 314 -23.94 22.86 17.74
N ARG A 315 -24.99 23.52 18.26
CA ARG A 315 -24.95 24.88 18.82
C ARG A 315 -23.93 25.01 19.96
N LYS A 316 -23.91 24.02 20.88
CA LYS A 316 -22.97 23.98 22.02
C LYS A 316 -21.53 23.79 21.54
N LYS A 317 -21.33 23.00 20.47
CA LYS A 317 -20.03 22.72 19.87
C LYS A 317 -19.44 23.97 19.20
N VAL A 318 -20.28 24.76 18.50
CA VAL A 318 -19.90 26.02 17.82
C VAL A 318 -19.43 27.06 18.86
N HIS A 319 -20.13 27.15 20.01
CA HIS A 319 -19.80 28.04 21.12
C HIS A 319 -18.45 27.67 21.74
N GLN A 320 -18.14 26.36 21.81
CA GLN A 320 -16.88 25.82 22.34
C GLN A 320 -15.70 26.12 21.41
N LEU A 321 -15.95 26.12 20.08
CA LEU A 321 -14.96 26.45 19.05
C LEU A 321 -14.60 27.93 19.15
N LYS A 322 -15.63 28.80 19.39
CA LYS A 322 -15.51 30.24 19.58
C LYS A 322 -14.56 30.55 20.74
N ASP A 323 -14.74 29.85 21.89
CA ASP A 323 -13.92 29.97 23.09
C ASP A 323 -12.48 29.52 22.83
N LEU A 324 -12.30 28.44 22.05
CA LEU A 324 -11.01 27.90 21.65
C LEU A 324 -10.27 28.90 20.75
N LEU A 325 -10.99 29.51 19.78
CA LEU A 325 -10.46 30.51 18.87
C LEU A 325 -10.01 31.77 19.60
N ASP A 326 -10.77 32.19 20.65
CA ASP A 326 -10.43 33.35 21.48
C ASP A 326 -9.10 33.13 22.22
N GLN A 327 -8.87 31.89 22.69
CA GLN A 327 -7.65 31.49 23.39
C GLN A 327 -6.45 31.38 22.45
N ILE A 328 -6.69 31.01 21.17
CA ILE A 328 -5.64 30.90 20.16
C ILE A 328 -5.29 32.29 19.61
N LEU A 329 -6.31 33.06 19.20
CA LEU A 329 -6.14 34.37 18.58
C LEU A 329 -5.70 35.53 19.51
N MET A 330 -4.95 35.22 20.57
CA MET A 330 -4.40 36.21 21.49
C MET A 330 -3.20 36.84 20.81
N LEU A 331 -3.16 38.18 20.75
CA LEU A 331 -2.08 38.94 20.09
C LEU A 331 -0.69 38.65 20.68
N ASP A 332 -0.60 38.62 22.02
CA ASP A 332 0.65 38.31 22.73
C ASP A 332 0.85 36.78 22.71
N PRO A 333 1.97 36.26 22.16
CA PRO A 333 2.18 34.80 22.14
C PRO A 333 2.41 34.17 23.51
N ALA A 334 2.77 34.98 24.52
CA ALA A 334 3.00 34.53 25.90
C ALA A 334 1.67 34.24 26.62
N LYS A 335 0.59 34.94 26.21
CA LYS A 335 -0.76 34.79 26.76
C LYS A 335 -1.63 33.86 25.89
N ARG A 336 -1.00 33.18 24.91
CA ARG A 336 -1.64 32.26 23.98
C ARG A 336 -1.76 30.86 24.58
N ILE A 337 -2.85 30.15 24.24
CA ILE A 337 -3.15 28.78 24.70
C ILE A 337 -2.02 27.80 24.27
N SER A 338 -1.66 26.87 25.18
CA SER A 338 -0.63 25.87 24.90
C SER A 338 -1.22 24.70 24.11
N ILE A 339 -0.37 23.80 23.58
CA ILE A 339 -0.76 22.61 22.82
C ILE A 339 -1.58 21.65 23.69
N ASN A 340 -1.11 21.37 24.93
CA ASN A 340 -1.78 20.47 25.88
C ASN A 340 -3.17 20.98 26.29
N GLN A 341 -3.30 22.30 26.55
CA GLN A 341 -4.57 22.95 26.91
C GLN A 341 -5.55 22.91 25.74
N ALA A 342 -5.03 23.07 24.49
CA ALA A 342 -5.82 23.02 23.26
C ALA A 342 -6.38 21.61 23.05
N LEU A 343 -5.60 20.58 23.40
CA LEU A 343 -6.00 19.17 23.31
C LEU A 343 -7.01 18.81 24.40
N GLN A 344 -6.86 19.43 25.60
CA GLN A 344 -7.73 19.20 26.76
C GLN A 344 -8.92 20.17 26.81
N HIS A 345 -9.08 21.03 25.79
CA HIS A 345 -10.17 22.00 25.68
C HIS A 345 -11.52 21.29 25.48
N ALA A 346 -12.60 21.90 25.99
CA ALA A 346 -13.98 21.40 25.94
C ALA A 346 -14.49 21.07 24.53
N PHE A 347 -14.01 21.79 23.51
CA PHE A 347 -14.38 21.58 22.10
C PHE A 347 -13.95 20.21 21.59
N ILE A 348 -12.75 19.73 21.97
CA ILE A 348 -12.22 18.43 21.58
C ILE A 348 -12.78 17.33 22.51
N GLN A 349 -12.70 17.54 23.84
CA GLN A 349 -13.19 16.58 24.84
C GLN A 349 -14.73 16.62 24.94
N GLU A 350 -15.41 15.77 24.15
CA GLU A 350 -16.87 15.69 24.10
C GLU A 350 -17.34 14.23 24.11
N TRP B 13 12.98 -18.78 22.74
CA TRP B 13 12.17 -18.18 21.68
C TRP B 13 11.86 -19.16 20.55
N THR B 14 12.87 -19.96 20.13
CA THR B 14 12.76 -20.92 19.04
C THR B 14 12.31 -22.30 19.54
N ASP B 15 11.34 -22.91 18.83
CA ASP B 15 10.78 -24.24 19.12
C ASP B 15 11.80 -25.34 18.79
N ALA B 16 11.59 -26.56 19.35
CA ALA B 16 12.45 -27.73 19.13
C ALA B 16 12.42 -28.19 17.67
N GLU B 17 11.25 -28.02 17.00
CA GLU B 17 11.05 -28.39 15.60
C GLU B 17 11.63 -27.34 14.64
N GLY B 18 11.69 -26.08 15.08
CA GLY B 18 12.24 -24.97 14.30
C GLY B 18 11.35 -23.75 14.19
N TYR B 19 10.13 -23.80 14.77
CA TYR B 19 9.17 -22.69 14.73
C TYR B 19 9.53 -21.52 15.64
N TYR B 20 8.95 -20.33 15.37
CA TYR B 20 9.19 -19.10 16.11
C TYR B 20 8.14 -18.83 17.21
N ARG B 21 6.92 -19.41 17.08
CA ARG B 21 5.74 -19.28 17.96
C ARG B 21 4.86 -18.07 17.61
N VAL B 22 5.50 -16.89 17.39
CA VAL B 22 4.90 -15.60 17.01
C VAL B 22 4.03 -14.95 18.09
N ASN B 23 4.31 -13.67 18.40
CA ASN B 23 3.57 -12.86 19.36
C ASN B 23 2.89 -11.69 18.65
N ILE B 24 1.60 -11.44 18.96
CA ILE B 24 0.80 -10.36 18.38
C ILE B 24 1.22 -9.02 19.02
N GLY B 25 1.37 -7.99 18.19
CA GLY B 25 1.78 -6.65 18.64
C GLY B 25 3.27 -6.43 18.58
N GLU B 26 4.05 -7.51 18.36
CA GLU B 26 5.51 -7.48 18.28
C GLU B 26 5.97 -6.80 16.99
N VAL B 27 6.98 -5.92 17.11
CA VAL B 27 7.54 -5.19 15.98
C VAL B 27 8.80 -5.88 15.40
N LEU B 28 8.73 -6.27 14.12
CA LEU B 28 9.81 -6.96 13.42
C LEU B 28 10.57 -5.97 12.54
N ASP B 29 11.93 -6.02 12.58
CA ASP B 29 12.87 -5.16 11.85
C ASP B 29 12.65 -3.65 12.16
N LYS B 30 12.10 -3.36 13.37
CA LYS B 30 11.75 -2.03 13.88
C LYS B 30 10.78 -1.25 12.97
N ARG B 31 9.94 -1.97 12.19
CA ARG B 31 8.97 -1.37 11.26
C ARG B 31 7.69 -2.19 11.06
N TYR B 32 7.76 -3.53 11.12
CA TYR B 32 6.60 -4.39 10.89
C TYR B 32 5.87 -4.81 12.16
N ASN B 33 4.72 -4.17 12.44
CA ASN B 33 3.89 -4.45 13.61
C ASN B 33 2.86 -5.54 13.28
N VAL B 34 3.07 -6.75 13.83
CA VAL B 34 2.20 -7.92 13.62
C VAL B 34 0.86 -7.70 14.34
N TYR B 35 -0.25 -7.81 13.60
CA TYR B 35 -1.60 -7.60 14.15
C TYR B 35 -2.48 -8.85 14.19
N GLY B 36 -2.15 -9.85 13.38
CA GLY B 36 -2.92 -11.09 13.32
C GLY B 36 -2.23 -12.20 12.55
N TYR B 37 -2.52 -13.46 12.93
CA TYR B 37 -1.98 -14.66 12.29
C TYR B 37 -2.68 -14.89 10.94
N THR B 38 -2.00 -15.59 10.02
CA THR B 38 -2.55 -15.89 8.69
C THR B 38 -2.39 -17.36 8.25
N GLY B 39 -1.37 -18.04 8.76
CA GLY B 39 -1.07 -19.44 8.46
C GLY B 39 0.24 -19.90 9.05
N GLN B 40 0.17 -20.55 10.24
CA GLN B 40 1.33 -21.07 10.97
C GLN B 40 1.08 -22.49 11.57
N GLY B 41 1.74 -23.52 11.04
CA GLY B 41 2.68 -23.47 9.93
C GLY B 41 2.03 -23.77 8.60
N VAL B 42 2.46 -24.82 7.86
CA VAL B 42 3.54 -25.77 8.20
C VAL B 42 4.82 -25.35 7.45
N PHE B 43 5.99 -25.47 8.13
CA PHE B 43 7.35 -25.13 7.68
C PHE B 43 7.71 -23.64 7.72
N SER B 44 6.70 -22.75 7.62
CA SER B 44 6.87 -21.31 7.65
C SER B 44 5.72 -20.61 8.36
N ASN B 45 6.05 -19.67 9.28
CA ASN B 45 5.07 -18.90 10.05
C ASN B 45 4.72 -17.61 9.30
N VAL B 46 3.67 -17.66 8.46
CA VAL B 46 3.21 -16.50 7.68
C VAL B 46 2.27 -15.65 8.54
N VAL B 47 2.60 -14.35 8.69
CA VAL B 47 1.83 -13.41 9.51
C VAL B 47 1.49 -12.09 8.81
N ARG B 48 0.40 -11.44 9.26
CA ARG B 48 -0.06 -10.15 8.75
C ARG B 48 0.54 -9.03 9.59
N ALA B 49 1.21 -8.06 8.93
CA ALA B 49 1.85 -6.94 9.60
C ALA B 49 1.60 -5.59 8.93
N ARG B 50 1.82 -4.50 9.67
CA ARG B 50 1.66 -3.12 9.18
C ARG B 50 3.02 -2.42 9.24
N ASP B 51 3.51 -1.95 8.08
CA ASP B 51 4.80 -1.27 7.95
C ASP B 51 4.70 0.19 8.40
N ASN B 52 5.14 0.48 9.65
CA ASN B 52 5.12 1.83 10.22
C ASN B 52 6.09 2.82 9.55
N ALA B 53 7.06 2.30 8.79
CA ALA B 53 8.04 3.08 8.02
C ALA B 53 7.44 3.42 6.64
N ARG B 54 6.34 2.74 6.27
CA ARG B 54 5.63 2.95 5.00
C ARG B 54 4.13 3.25 5.21
N ALA B 55 3.83 4.21 6.11
CA ALA B 55 2.49 4.70 6.47
C ALA B 55 1.45 3.62 6.84
N ASN B 56 1.86 2.68 7.71
CA ASN B 56 1.04 1.55 8.21
C ASN B 56 0.43 0.66 7.12
N GLN B 57 1.12 0.53 5.97
CA GLN B 57 0.68 -0.30 4.84
C GLN B 57 0.76 -1.79 5.16
N GLU B 58 -0.21 -2.55 4.66
CA GLU B 58 -0.34 -4.00 4.86
C GLU B 58 0.78 -4.76 4.15
N VAL B 59 1.42 -5.70 4.88
CA VAL B 59 2.49 -6.58 4.40
C VAL B 59 2.31 -8.00 4.94
N ALA B 60 2.86 -8.99 4.23
CA ALA B 60 2.83 -10.40 4.65
C ALA B 60 4.26 -10.84 4.96
N VAL B 61 4.51 -11.28 6.21
CA VAL B 61 5.83 -11.71 6.64
C VAL B 61 5.89 -13.22 6.82
N LYS B 62 6.69 -13.90 5.96
CA LYS B 62 6.90 -15.34 5.98
C LYS B 62 8.14 -15.62 6.83
N ILE B 63 7.94 -16.19 8.04
CA ILE B 63 9.01 -16.52 8.97
C ILE B 63 9.43 -17.99 8.75
N ILE B 64 10.56 -18.19 8.06
CA ILE B 64 11.12 -19.50 7.72
C ILE B 64 11.70 -20.19 8.97
N ARG B 65 11.51 -21.53 9.08
CA ARG B 65 11.98 -22.40 10.16
C ARG B 65 13.50 -22.30 10.38
N ASN B 66 13.95 -22.55 11.63
CA ASN B 66 15.35 -22.46 12.05
C ASN B 66 16.19 -23.74 11.87
N ASN B 67 15.53 -24.92 11.75
CA ASN B 67 16.23 -26.21 11.61
C ASN B 67 17.03 -26.34 10.31
N GLU B 68 18.26 -26.89 10.43
CA GLU B 68 19.28 -27.14 9.39
C GLU B 68 18.83 -27.16 7.92
N LEU B 69 17.93 -28.08 7.56
CA LEU B 69 17.44 -28.25 6.19
C LEU B 69 16.42 -27.21 5.74
N MET B 70 15.55 -26.76 6.66
CA MET B 70 14.51 -25.77 6.38
C MET B 70 15.04 -24.35 6.15
N GLN B 71 16.18 -24.00 6.79
CA GLN B 71 16.83 -22.69 6.63
C GLN B 71 17.50 -22.65 5.25
N LYS B 72 18.04 -23.80 4.79
CA LYS B 72 18.68 -24.00 3.48
C LYS B 72 17.63 -23.82 2.37
N THR B 73 16.38 -24.26 2.65
CA THR B 73 15.21 -24.16 1.76
C THR B 73 14.79 -22.68 1.63
N GLY B 74 14.90 -21.92 2.73
CA GLY B 74 14.59 -20.51 2.81
C GLY B 74 15.46 -19.64 1.93
N LEU B 75 16.79 -19.90 1.95
CA LEU B 75 17.78 -19.18 1.13
C LEU B 75 17.56 -19.47 -0.36
N LYS B 76 17.14 -20.72 -0.67
CA LYS B 76 16.84 -21.19 -2.03
C LYS B 76 15.59 -20.47 -2.54
N GLU B 77 14.54 -20.35 -1.68
CA GLU B 77 13.29 -19.66 -1.97
C GLU B 77 13.54 -18.16 -2.24
N LEU B 78 14.42 -17.53 -1.43
CA LEU B 78 14.84 -16.13 -1.55
C LEU B 78 15.55 -15.89 -2.89
N GLU B 79 16.38 -16.85 -3.33
CA GLU B 79 17.12 -16.82 -4.60
C GLU B 79 16.16 -16.89 -5.79
N PHE B 80 15.18 -17.82 -5.74
CA PHE B 80 14.18 -18.01 -6.79
C PHE B 80 13.20 -16.84 -6.90
N LEU B 81 12.80 -16.24 -5.74
CA LEU B 81 11.90 -15.09 -5.70
C LEU B 81 12.55 -13.87 -6.37
N LYS B 82 13.86 -13.65 -6.09
CA LYS B 82 14.66 -12.56 -6.64
C LYS B 82 14.82 -12.66 -8.16
N LYS B 83 15.12 -13.88 -8.67
CA LYS B 83 15.31 -14.16 -10.09
C LYS B 83 14.04 -13.92 -10.91
N LEU B 84 12.89 -14.39 -10.41
CA LEU B 84 11.59 -14.24 -11.08
C LEU B 84 11.09 -12.79 -11.08
N ASN B 85 11.32 -12.06 -9.98
CA ASN B 85 10.91 -10.66 -9.84
C ASN B 85 11.74 -9.70 -10.70
N ASP B 86 13.08 -9.94 -10.78
CA ASP B 86 14.00 -9.13 -11.59
C ASP B 86 13.70 -9.29 -13.09
N ALA B 87 13.27 -10.50 -13.51
CA ALA B 87 12.92 -10.81 -14.89
C ALA B 87 11.55 -10.22 -15.29
N ASP B 88 10.68 -9.94 -14.30
CA ASP B 88 9.36 -9.36 -14.51
C ASP B 88 9.26 -7.99 -13.78
N PRO B 89 9.82 -6.90 -14.34
CA PRO B 89 9.77 -5.60 -13.63
C PRO B 89 8.39 -4.94 -13.62
N ASP B 90 7.56 -5.21 -14.65
CA ASP B 90 6.22 -4.64 -14.79
C ASP B 90 5.13 -5.44 -14.06
N ASP B 91 5.48 -6.64 -13.52
CA ASP B 91 4.60 -7.56 -12.80
C ASP B 91 3.37 -7.96 -13.63
N LYS B 92 3.60 -8.78 -14.68
CA LYS B 92 2.57 -9.24 -15.61
C LYS B 92 2.56 -10.77 -15.77
N PHE B 93 3.53 -11.47 -15.15
CA PHE B 93 3.64 -12.93 -15.23
C PHE B 93 3.29 -13.64 -13.91
N HIS B 94 2.23 -13.13 -13.25
CA HIS B 94 1.55 -13.57 -12.03
C HIS B 94 2.30 -14.43 -11.00
N CYS B 95 3.45 -13.93 -10.52
CA CYS B 95 4.27 -14.56 -9.49
C CYS B 95 4.35 -13.62 -8.28
N LEU B 96 4.27 -14.18 -7.05
CA LEU B 96 4.32 -13.45 -5.79
C LEU B 96 5.50 -12.47 -5.74
N ARG B 97 5.22 -11.22 -5.35
CA ARG B 97 6.23 -10.17 -5.29
C ARG B 97 6.89 -10.07 -3.93
N LEU B 98 8.22 -10.23 -3.92
CA LEU B 98 9.05 -10.11 -2.72
C LEU B 98 9.50 -8.65 -2.63
N PHE B 99 9.20 -8.00 -1.51
CA PHE B 99 9.54 -6.60 -1.26
C PHE B 99 11.02 -6.50 -0.84
N ARG B 100 11.36 -7.16 0.29
CA ARG B 100 12.71 -7.22 0.88
C ARG B 100 12.79 -8.38 1.88
N HIS B 101 13.99 -8.59 2.46
CA HIS B 101 14.22 -9.65 3.45
C HIS B 101 15.06 -9.16 4.63
N PHE B 102 14.85 -9.77 5.80
CA PHE B 102 15.56 -9.48 7.04
C PHE B 102 15.64 -10.73 7.92
N TYR B 103 16.41 -10.66 9.00
CA TYR B 103 16.56 -11.74 9.97
C TYR B 103 15.97 -11.34 11.31
N HIS B 104 15.32 -12.29 12.00
CA HIS B 104 14.72 -12.05 13.32
C HIS B 104 14.81 -13.30 14.19
N LYS B 105 15.64 -13.24 15.24
CA LYS B 105 15.89 -14.30 16.22
C LYS B 105 16.28 -15.64 15.54
N GLN B 106 17.34 -15.58 14.71
CA GLN B 106 17.92 -16.68 13.92
C GLN B 106 17.06 -17.16 12.72
N HIS B 107 15.86 -16.59 12.52
CA HIS B 107 14.94 -16.96 11.45
C HIS B 107 15.00 -16.01 10.26
N LEU B 108 14.90 -16.57 9.04
CA LEU B 108 14.87 -15.80 7.80
C LEU B 108 13.43 -15.29 7.61
N CYS B 109 13.28 -13.97 7.44
CA CYS B 109 11.97 -13.34 7.25
C CYS B 109 11.85 -12.72 5.87
N LEU B 110 10.81 -13.13 5.12
CA LEU B 110 10.54 -12.67 3.76
C LEU B 110 9.31 -11.76 3.75
N VAL B 111 9.48 -10.52 3.27
CA VAL B 111 8.41 -9.52 3.20
C VAL B 111 7.76 -9.58 1.82
N PHE B 112 6.48 -9.93 1.78
CA PHE B 112 5.71 -10.06 0.54
C PHE B 112 4.58 -9.05 0.43
N GLU B 113 3.98 -8.96 -0.77
CA GLU B 113 2.83 -8.10 -1.07
C GLU B 113 1.59 -8.56 -0.29
N PRO B 114 0.70 -7.64 0.15
CA PRO B 114 -0.49 -8.09 0.90
C PRO B 114 -1.51 -8.81 0.02
N LEU B 115 -1.80 -10.08 0.34
CA LEU B 115 -2.78 -10.88 -0.40
C LEU B 115 -3.78 -11.52 0.55
N SER B 116 -5.08 -11.45 0.17
CA SER B 116 -6.23 -11.91 0.95
C SER B 116 -6.21 -13.38 1.41
N MET B 117 -6.36 -14.35 0.47
CA MET B 117 -6.42 -15.78 0.78
C MET B 117 -5.98 -16.65 -0.41
N ASN B 118 -5.74 -17.95 -0.16
CA ASN B 118 -5.36 -18.89 -1.22
C ASN B 118 -6.59 -19.53 -1.87
N LEU B 119 -6.41 -20.17 -3.06
CA LEU B 119 -7.50 -20.80 -3.81
C LEU B 119 -8.19 -21.98 -3.11
N ARG B 120 -7.53 -22.63 -2.13
CA ARG B 120 -8.12 -23.71 -1.33
C ARG B 120 -9.21 -23.10 -0.44
N GLU B 121 -8.91 -21.93 0.16
CA GLU B 121 -9.81 -21.17 1.02
C GLU B 121 -10.99 -20.59 0.23
N VAL B 122 -10.74 -20.17 -1.04
CA VAL B 122 -11.76 -19.64 -1.95
C VAL B 122 -12.75 -20.77 -2.31
N LEU B 123 -12.21 -21.97 -2.62
CA LEU B 123 -12.95 -23.18 -2.97
C LEU B 123 -13.85 -23.62 -1.80
N LYS B 124 -13.35 -23.51 -0.56
CA LYS B 124 -14.06 -23.84 0.68
C LYS B 124 -15.23 -22.87 0.91
N LYS B 125 -15.03 -21.58 0.58
CA LYS B 125 -16.04 -20.53 0.70
C LYS B 125 -17.13 -20.64 -0.37
N TYR B 126 -16.79 -21.24 -1.53
CA TYR B 126 -17.74 -21.44 -2.63
C TYR B 126 -18.72 -22.59 -2.38
N GLY B 127 -18.32 -23.55 -1.55
CA GLY B 127 -19.16 -24.68 -1.19
C GLY B 127 -18.58 -26.05 -1.48
N LYS B 128 -19.26 -27.09 -0.96
CA LYS B 128 -18.89 -28.49 -1.12
C LYS B 128 -19.19 -28.95 -2.55
N ASP B 129 -18.12 -29.21 -3.34
CA ASP B 129 -18.17 -29.63 -4.75
C ASP B 129 -18.91 -28.66 -5.69
N VAL B 130 -18.89 -27.35 -5.34
CA VAL B 130 -19.54 -26.29 -6.11
C VAL B 130 -18.60 -25.76 -7.19
N GLY B 131 -17.41 -25.31 -6.78
CA GLY B 131 -16.41 -24.75 -7.68
C GLY B 131 -16.68 -23.30 -8.03
N LEU B 132 -15.77 -22.70 -8.78
CA LEU B 132 -15.86 -21.30 -9.22
C LEU B 132 -16.59 -21.15 -10.56
N HIS B 133 -17.02 -19.91 -10.85
CA HIS B 133 -17.70 -19.54 -12.10
C HIS B 133 -16.75 -19.71 -13.28
N ILE B 134 -17.27 -20.12 -14.46
CA ILE B 134 -16.49 -20.35 -15.67
C ILE B 134 -15.62 -19.14 -16.11
N LYS B 135 -16.11 -17.91 -15.88
CA LYS B 135 -15.40 -16.67 -16.18
C LYS B 135 -14.19 -16.49 -15.27
N ALA B 136 -14.30 -16.91 -13.99
CA ALA B 136 -13.22 -16.85 -13.01
C ALA B 136 -12.13 -17.86 -13.36
N VAL B 137 -12.52 -19.09 -13.75
CA VAL B 137 -11.62 -20.17 -14.17
C VAL B 137 -10.87 -19.74 -15.44
N ARG B 138 -11.56 -19.04 -16.37
CA ARG B 138 -11.01 -18.50 -17.62
C ARG B 138 -9.86 -17.52 -17.32
N SER B 139 -10.13 -16.52 -16.47
CA SER B 139 -9.15 -15.50 -16.07
C SER B 139 -8.00 -16.13 -15.29
N TYR B 140 -8.30 -17.13 -14.43
CA TYR B 140 -7.32 -17.82 -13.60
C TYR B 140 -6.37 -18.70 -14.42
N SER B 141 -6.88 -19.41 -15.45
CA SER B 141 -6.08 -20.25 -16.33
C SER B 141 -5.02 -19.43 -17.07
N GLN B 142 -5.44 -18.29 -17.67
CA GLN B 142 -4.59 -17.35 -18.39
C GLN B 142 -3.46 -16.82 -17.51
N GLN B 143 -3.79 -16.44 -16.26
CA GLN B 143 -2.84 -15.93 -15.27
C GLN B 143 -1.85 -17.01 -14.82
N LEU B 144 -2.33 -18.27 -14.70
CA LEU B 144 -1.49 -19.41 -14.33
C LEU B 144 -0.55 -19.79 -15.47
N PHE B 145 -1.01 -19.65 -16.74
CA PHE B 145 -0.19 -19.94 -17.92
C PHE B 145 0.90 -18.90 -18.11
N LEU B 146 0.65 -17.63 -17.69
CA LEU B 146 1.62 -16.54 -17.74
C LEU B 146 2.72 -16.77 -16.69
N ALA B 147 2.35 -17.41 -15.55
CA ALA B 147 3.28 -17.75 -14.47
C ALA B 147 4.25 -18.83 -14.94
N LEU B 148 3.74 -19.81 -15.74
CA LEU B 148 4.53 -20.91 -16.32
C LEU B 148 5.54 -20.37 -17.34
N LYS B 149 5.15 -19.32 -18.09
CA LYS B 149 5.98 -18.64 -19.09
C LYS B 149 7.22 -18.04 -18.42
N LEU B 150 7.04 -17.37 -17.27
CA LEU B 150 8.12 -16.77 -16.48
C LEU B 150 9.01 -17.85 -15.87
N LEU B 151 8.41 -18.97 -15.44
CA LEU B 151 9.14 -20.12 -14.86
C LEU B 151 10.03 -20.77 -15.93
N LYS B 152 9.54 -20.85 -17.18
CA LYS B 152 10.25 -21.41 -18.32
C LYS B 152 11.40 -20.51 -18.77
N ARG B 153 11.19 -19.17 -18.75
CA ARG B 153 12.19 -18.17 -19.13
C ARG B 153 13.38 -18.15 -18.16
N CYS B 154 13.09 -18.30 -16.85
CA CYS B 154 14.09 -18.29 -15.77
C CYS B 154 14.68 -19.68 -15.49
N ASN B 155 14.21 -20.72 -16.21
CA ASN B 155 14.61 -22.13 -16.07
C ASN B 155 14.38 -22.65 -14.64
N ILE B 156 13.19 -22.34 -14.09
CA ILE B 156 12.77 -22.73 -12.73
C ILE B 156 11.53 -23.62 -12.81
N LEU B 157 11.51 -24.69 -11.99
CA LEU B 157 10.39 -25.59 -11.85
C LEU B 157 9.80 -25.33 -10.47
N HIS B 158 8.51 -24.97 -10.39
CA HIS B 158 7.83 -24.69 -9.12
C HIS B 158 7.75 -25.95 -8.27
N ALA B 159 7.40 -27.09 -8.90
CA ALA B 159 7.27 -28.43 -8.30
C ALA B 159 6.27 -28.55 -7.14
N ASP B 160 5.26 -27.65 -7.07
CA ASP B 160 4.22 -27.67 -6.02
C ASP B 160 2.98 -26.80 -6.37
N ILE B 161 2.61 -26.75 -7.67
CA ILE B 161 1.44 -25.99 -8.10
C ILE B 161 0.15 -26.71 -7.68
N LYS B 162 -0.63 -26.04 -6.81
CA LYS B 162 -1.90 -26.52 -6.24
C LYS B 162 -2.70 -25.31 -5.69
N PRO B 163 -4.05 -25.42 -5.47
CA PRO B 163 -4.81 -24.25 -4.95
C PRO B 163 -4.25 -23.57 -3.70
N ASP B 164 -3.59 -24.34 -2.80
CA ASP B 164 -2.99 -23.86 -1.56
C ASP B 164 -1.85 -22.87 -1.80
N ASN B 165 -1.11 -23.05 -2.92
CA ASN B 165 0.03 -22.22 -3.29
C ASN B 165 -0.29 -21.12 -4.31
N ILE B 166 -1.59 -20.88 -4.58
CA ILE B 166 -2.05 -19.83 -5.49
C ILE B 166 -2.87 -18.84 -4.68
N LEU B 167 -2.36 -17.61 -4.53
CA LEU B 167 -2.97 -16.55 -3.75
C LEU B 167 -3.76 -15.58 -4.62
N VAL B 168 -4.82 -14.96 -4.05
CA VAL B 168 -5.67 -13.97 -4.72
C VAL B 168 -5.77 -12.67 -3.93
N ASN B 169 -6.04 -11.54 -4.62
CA ASN B 169 -6.22 -10.23 -3.99
C ASN B 169 -7.63 -10.13 -3.36
N GLU B 170 -7.93 -9.02 -2.64
CA GLU B 170 -9.21 -8.78 -1.97
C GLU B 170 -10.43 -8.94 -2.90
N SER B 171 -10.34 -8.37 -4.12
CA SER B 171 -11.40 -8.43 -5.14
C SER B 171 -11.43 -9.76 -5.90
N LYS B 172 -10.44 -10.65 -5.65
CA LYS B 172 -10.28 -11.98 -6.26
C LYS B 172 -10.13 -11.98 -7.79
N THR B 173 -9.64 -10.85 -8.35
CA THR B 173 -9.43 -10.69 -9.79
C THR B 173 -8.01 -11.04 -10.25
N ILE B 174 -7.01 -10.86 -9.36
CA ILE B 174 -5.60 -11.12 -9.65
C ILE B 174 -5.05 -12.25 -8.77
N LEU B 175 -4.41 -13.25 -9.39
CA LEU B 175 -3.77 -14.35 -8.68
C LEU B 175 -2.25 -14.27 -8.71
N LYS B 176 -1.59 -14.82 -7.69
CA LYS B 176 -0.14 -14.86 -7.59
C LYS B 176 0.34 -16.23 -7.12
N LEU B 177 1.26 -16.84 -7.88
CA LEU B 177 1.84 -18.14 -7.55
C LEU B 177 2.85 -17.94 -6.42
N CYS B 178 2.69 -18.70 -5.33
CA CYS B 178 3.54 -18.60 -4.14
C CYS B 178 4.21 -19.93 -3.77
N ASP B 179 4.99 -19.92 -2.66
CA ASP B 179 5.72 -21.06 -2.08
C ASP B 179 6.74 -21.66 -3.07
N PHE B 180 7.97 -21.11 -3.05
CA PHE B 180 9.06 -21.55 -3.91
C PHE B 180 10.10 -22.38 -3.13
N GLY B 181 9.63 -23.06 -2.09
CA GLY B 181 10.44 -23.92 -1.24
C GLY B 181 10.78 -25.23 -1.91
N SER B 182 9.79 -25.82 -2.61
CA SER B 182 9.92 -27.07 -3.36
C SER B 182 10.53 -26.83 -4.75
N ALA B 183 10.74 -25.56 -5.12
CA ALA B 183 11.30 -25.14 -6.42
C ALA B 183 12.76 -25.54 -6.60
N SER B 184 13.15 -25.79 -7.86
CA SER B 184 14.51 -26.19 -8.25
C SER B 184 14.82 -25.86 -9.71
N HIS B 185 16.13 -25.78 -10.06
CA HIS B 185 16.59 -25.51 -11.42
CA HIS B 185 16.60 -25.51 -11.42
C HIS B 185 16.41 -26.77 -12.28
N VAL B 186 16.19 -26.59 -13.59
CA VAL B 186 15.98 -27.69 -14.56
C VAL B 186 17.20 -28.62 -14.67
N ALA B 187 18.42 -28.04 -14.68
CA ALA B 187 19.69 -28.76 -14.78
C ALA B 187 19.96 -29.73 -13.62
N ASP B 188 19.35 -29.48 -12.44
CA ASP B 188 19.50 -30.30 -11.23
C ASP B 188 18.88 -31.70 -11.40
N ASN B 189 17.57 -31.75 -11.75
CA ASN B 189 16.77 -32.96 -11.97
C ASN B 189 17.06 -34.15 -11.03
N ASP B 190 16.62 -34.04 -9.77
CA ASP B 190 16.81 -35.07 -8.75
C ASP B 190 15.85 -36.24 -8.98
N ILE B 191 16.40 -37.45 -9.19
CA ILE B 191 15.63 -38.67 -9.43
C ILE B 191 14.88 -39.15 -8.19
N THR B 192 13.65 -38.62 -7.99
CA THR B 192 12.78 -38.94 -6.87
C THR B 192 11.30 -39.08 -7.29
N PRO B 193 10.58 -40.15 -6.85
CA PRO B 193 9.17 -40.27 -7.24
C PRO B 193 8.20 -39.56 -6.30
N PTR B 194 8.74 -38.78 -5.34
CA PTR B 194 7.92 -38.06 -4.35
C PTR B 194 7.88 -36.53 -4.57
O PTR B 194 7.36 -35.82 -3.70
CB PTR B 194 8.31 -38.49 -2.93
CG PTR B 194 8.08 -39.98 -2.76
CD1 PTR B 194 6.79 -40.51 -2.91
CD2 PTR B 194 9.16 -40.83 -2.46
CE1 PTR B 194 6.58 -41.89 -2.74
CE2 PTR B 194 8.95 -42.22 -2.31
CZ PTR B 194 7.64 -42.78 -2.45
OH PTR B 194 7.30 -44.12 -2.31
P PTR B 194 8.39 -45.21 -2.48
O1P PTR B 194 9.13 -45.04 -3.80
O2P PTR B 194 7.69 -46.57 -2.47
O3P PTR B 194 9.37 -45.18 -1.30
N LEU B 195 8.41 -36.04 -5.71
CA LEU B 195 8.39 -34.61 -6.05
C LEU B 195 6.97 -34.23 -6.47
N VAL B 196 6.50 -33.03 -6.03
CA VAL B 196 5.15 -32.45 -6.26
C VAL B 196 4.12 -33.16 -5.36
N SER B 197 3.17 -32.40 -4.77
CA SER B 197 2.10 -32.96 -3.94
C SER B 197 1.38 -34.06 -4.72
N ARG B 198 1.30 -35.27 -4.14
CA ARG B 198 0.74 -36.50 -4.72
C ARG B 198 -0.38 -36.34 -5.76
N PHE B 199 -1.46 -35.61 -5.42
CA PHE B 199 -2.62 -35.42 -6.30
C PHE B 199 -2.33 -34.61 -7.57
N TYR B 200 -1.25 -33.81 -7.55
CA TYR B 200 -0.85 -32.93 -8.64
C TYR B 200 0.46 -33.40 -9.31
N ARG B 201 0.92 -34.61 -8.95
CA ARG B 201 2.14 -35.24 -9.45
C ARG B 201 1.96 -35.80 -10.86
N ALA B 202 2.82 -35.36 -11.79
CA ALA B 202 2.83 -35.79 -13.19
C ALA B 202 3.28 -37.26 -13.34
N PRO B 203 2.83 -38.00 -14.39
CA PRO B 203 3.23 -39.42 -14.51
C PRO B 203 4.73 -39.69 -14.67
N GLU B 204 5.49 -38.75 -15.27
CA GLU B 204 6.94 -38.86 -15.49
C GLU B 204 7.76 -38.92 -14.19
N ILE B 205 7.26 -38.25 -13.12
CA ILE B 205 7.89 -38.23 -11.80
C ILE B 205 7.76 -39.62 -11.16
N ILE B 206 6.54 -40.19 -11.19
CA ILE B 206 6.17 -41.49 -10.64
C ILE B 206 6.99 -42.63 -11.26
N ILE B 207 7.05 -42.70 -12.60
CA ILE B 207 7.79 -43.74 -13.32
C ILE B 207 9.31 -43.54 -13.32
N GLY B 208 9.76 -42.32 -13.04
CA GLY B 208 11.18 -41.98 -13.00
C GLY B 208 11.78 -41.65 -14.35
N LYS B 209 11.07 -40.84 -15.15
CA LYS B 209 11.47 -40.39 -16.48
C LYS B 209 12.09 -38.99 -16.38
N SER B 210 12.77 -38.54 -17.45
CA SER B 210 13.37 -37.20 -17.55
C SER B 210 12.22 -36.18 -17.59
N TYR B 211 12.22 -35.25 -16.63
CA TYR B 211 11.17 -34.24 -16.51
C TYR B 211 11.68 -32.80 -16.59
N ASP B 212 10.83 -31.90 -17.10
CA ASP B 212 11.13 -30.47 -17.24
C ASP B 212 9.92 -29.63 -16.80
N TYR B 213 9.56 -28.57 -17.55
CA TYR B 213 8.46 -27.65 -17.29
C TYR B 213 7.08 -28.29 -17.38
N GLY B 214 7.00 -29.45 -18.05
CA GLY B 214 5.78 -30.23 -18.23
C GLY B 214 5.08 -30.65 -16.95
N ILE B 215 5.86 -30.86 -15.86
CA ILE B 215 5.34 -31.24 -14.54
C ILE B 215 4.50 -30.12 -13.93
N ASP B 216 4.92 -28.86 -14.16
CA ASP B 216 4.24 -27.66 -13.69
C ASP B 216 2.98 -27.42 -14.53
N MET B 217 3.05 -27.75 -15.84
CA MET B 217 1.93 -27.66 -16.78
C MET B 217 0.85 -28.67 -16.37
N TRP B 218 1.26 -29.92 -16.03
CA TRP B 218 0.37 -31.00 -15.57
C TRP B 218 -0.36 -30.59 -14.28
N SER B 219 0.38 -29.96 -13.33
CA SER B 219 -0.15 -29.48 -12.05
C SER B 219 -1.21 -28.39 -12.24
N VAL B 220 -1.03 -27.51 -13.24
CA VAL B 220 -1.97 -26.44 -13.59
C VAL B 220 -3.30 -27.06 -14.07
N GLY B 221 -3.21 -28.09 -14.92
CA GLY B 221 -4.37 -28.83 -15.43
C GLY B 221 -5.19 -29.47 -14.33
N CYS B 222 -4.51 -30.10 -13.34
CA CYS B 222 -5.14 -30.72 -12.18
C CYS B 222 -5.87 -29.66 -11.36
N THR B 223 -5.26 -28.46 -11.23
CA THR B 223 -5.80 -27.31 -10.51
C THR B 223 -7.01 -26.71 -11.23
N LEU B 224 -6.95 -26.57 -12.57
CA LEU B 224 -8.04 -26.01 -13.39
C LEU B 224 -9.33 -26.81 -13.32
N TYR B 225 -9.22 -28.16 -13.28
CA TYR B 225 -10.36 -29.06 -13.14
C TYR B 225 -10.98 -28.85 -11.75
N GLU B 226 -10.11 -28.77 -10.72
CA GLU B 226 -10.47 -28.56 -9.31
C GLU B 226 -11.11 -27.20 -9.06
N LEU B 227 -10.74 -26.18 -9.85
CA LEU B 227 -11.30 -24.84 -9.70
C LEU B 227 -12.76 -24.74 -10.15
N TYR B 228 -13.13 -25.47 -11.22
CA TYR B 228 -14.49 -25.48 -11.74
C TYR B 228 -15.42 -26.50 -11.06
N THR B 229 -14.88 -27.68 -10.72
CA THR B 229 -15.67 -28.75 -10.08
C THR B 229 -15.68 -28.66 -8.55
N GLY B 230 -14.59 -28.19 -7.96
CA GLY B 230 -14.43 -28.12 -6.51
C GLY B 230 -13.96 -29.45 -5.94
N LYS B 231 -13.60 -30.40 -6.84
CA LYS B 231 -13.15 -31.75 -6.52
C LYS B 231 -11.75 -32.03 -7.04
N ILE B 232 -10.99 -32.86 -6.30
CA ILE B 232 -9.64 -33.29 -6.67
C ILE B 232 -9.75 -34.23 -7.90
N LEU B 233 -8.98 -33.94 -8.96
CA LEU B 233 -8.98 -34.70 -10.21
C LEU B 233 -8.52 -36.15 -10.02
N PHE B 234 -7.34 -36.35 -9.41
CA PHE B 234 -6.82 -37.70 -9.15
C PHE B 234 -6.56 -37.88 -7.65
N PRO B 235 -7.58 -38.30 -6.86
CA PRO B 235 -7.37 -38.49 -5.42
C PRO B 235 -6.76 -39.86 -5.08
N GLY B 236 -5.56 -40.10 -5.60
CA GLY B 236 -4.81 -41.33 -5.40
C GLY B 236 -4.14 -41.40 -4.06
N LYS B 237 -4.34 -42.54 -3.36
CA LYS B 237 -3.77 -42.79 -2.03
C LYS B 237 -2.26 -43.05 -2.09
N THR B 238 -1.80 -43.67 -3.20
CA THR B 238 -0.40 -44.03 -3.44
C THR B 238 0.02 -43.62 -4.86
N ASN B 239 1.35 -43.69 -5.15
CA ASN B 239 1.95 -43.38 -6.45
C ASN B 239 1.40 -44.31 -7.55
N ASN B 240 1.17 -45.60 -7.21
CA ASN B 240 0.63 -46.61 -8.12
C ASN B 240 -0.82 -46.28 -8.47
N HIS B 241 -1.63 -45.85 -7.47
CA HIS B 241 -3.03 -45.46 -7.64
C HIS B 241 -3.13 -44.22 -8.53
N MET B 242 -2.15 -43.30 -8.42
CA MET B 242 -2.05 -42.06 -9.21
C MET B 242 -1.95 -42.37 -10.70
N LEU B 243 -1.17 -43.40 -11.08
CA LEU B 243 -0.99 -43.82 -12.47
C LEU B 243 -2.27 -44.45 -13.02
N LYS B 244 -2.97 -45.26 -12.18
CA LYS B 244 -4.22 -45.92 -12.50
C LYS B 244 -5.30 -44.88 -12.87
N LEU B 245 -5.48 -43.84 -12.03
CA LEU B 245 -6.43 -42.75 -12.25
C LEU B 245 -6.10 -41.94 -13.49
N ALA B 246 -4.80 -41.72 -13.76
CA ALA B 246 -4.31 -40.99 -14.93
C ALA B 246 -4.57 -41.81 -16.21
N MET B 247 -4.41 -43.15 -16.12
CA MET B 247 -4.64 -44.08 -17.23
C MET B 247 -6.13 -44.34 -17.46
N ASP B 248 -6.98 -44.08 -16.44
CA ASP B 248 -8.43 -44.23 -16.53
C ASP B 248 -9.07 -43.17 -17.43
N LEU B 249 -8.29 -42.12 -17.80
CA LEU B 249 -8.71 -41.02 -18.66
C LEU B 249 -8.05 -41.07 -20.05
N LYS B 250 -6.73 -41.30 -20.11
CA LYS B 250 -5.95 -41.31 -21.35
C LYS B 250 -5.58 -42.69 -21.90
N GLY B 251 -6.02 -43.76 -21.22
CA GLY B 251 -5.71 -45.13 -21.61
C GLY B 251 -4.35 -45.56 -21.12
N LYS B 252 -3.91 -46.78 -21.50
CA LYS B 252 -2.61 -47.33 -21.10
C LYS B 252 -1.45 -46.47 -21.61
N MET B 253 -0.45 -46.25 -20.74
CA MET B 253 0.75 -45.45 -21.01
C MET B 253 1.54 -46.01 -22.22
N PRO B 254 2.07 -45.15 -23.13
CA PRO B 254 2.82 -45.68 -24.28
C PRO B 254 4.09 -46.43 -23.87
N ASN B 255 4.39 -47.55 -24.57
CA ASN B 255 5.54 -48.42 -24.33
C ASN B 255 6.90 -47.69 -24.38
N LYS B 256 7.01 -46.64 -25.22
CA LYS B 256 8.21 -45.82 -25.39
C LYS B 256 8.50 -45.03 -24.10
N MET B 257 7.43 -44.58 -23.40
CA MET B 257 7.52 -43.81 -22.16
C MET B 257 7.88 -44.70 -20.95
N ILE B 258 7.28 -45.90 -20.85
CA ILE B 258 7.51 -46.86 -19.75
C ILE B 258 9.00 -47.24 -19.63
N ARG B 259 9.63 -47.61 -20.76
CA ARG B 259 11.05 -48.03 -20.85
C ARG B 259 12.03 -46.94 -20.39
N LYS B 260 11.70 -45.66 -20.64
CA LYS B 260 12.52 -44.50 -20.28
C LYS B 260 12.57 -44.26 -18.77
N GLY B 261 11.53 -44.69 -18.04
CA GLY B 261 11.42 -44.54 -16.60
C GLY B 261 12.32 -45.46 -15.80
N VAL B 262 12.91 -44.92 -14.71
CA VAL B 262 13.82 -45.66 -13.82
C VAL B 262 13.08 -46.54 -12.78
N PHE B 263 11.86 -46.12 -12.34
CA PHE B 263 11.04 -46.85 -11.38
C PHE B 263 9.93 -47.66 -12.09
N LYS B 264 10.13 -48.02 -13.38
CA LYS B 264 9.17 -48.78 -14.20
C LYS B 264 8.82 -50.16 -13.65
N ASP B 265 9.79 -50.84 -12.99
CA ASP B 265 9.65 -52.17 -12.39
C ASP B 265 8.63 -52.24 -11.24
N GLN B 266 8.42 -51.11 -10.54
CA GLN B 266 7.49 -51.00 -9.41
C GLN B 266 6.02 -51.01 -9.85
N HIS B 267 5.72 -50.46 -11.04
CA HIS B 267 4.35 -50.33 -11.56
C HIS B 267 4.04 -51.21 -12.78
N PHE B 268 5.06 -51.52 -13.60
CA PHE B 268 4.91 -52.32 -14.82
C PHE B 268 5.84 -53.54 -14.82
N ASP B 269 5.34 -54.68 -15.33
CA ASP B 269 6.10 -55.94 -15.42
C ASP B 269 6.95 -56.01 -16.70
N GLN B 270 7.57 -57.18 -16.97
CA GLN B 270 8.42 -57.43 -18.14
C GLN B 270 7.65 -57.36 -19.48
N ASN B 271 6.34 -57.66 -19.46
CA ASN B 271 5.46 -57.63 -20.62
C ASN B 271 4.81 -56.25 -20.82
N LEU B 272 5.25 -55.25 -20.00
CA LEU B 272 4.78 -53.86 -19.97
C LEU B 272 3.31 -53.70 -19.57
N ASN B 273 2.81 -54.62 -18.74
CA ASN B 273 1.44 -54.60 -18.22
C ASN B 273 1.43 -53.97 -16.83
N PHE B 274 0.46 -53.08 -16.57
CA PHE B 274 0.33 -52.38 -15.29
C PHE B 274 -0.12 -53.28 -14.16
N MET B 275 0.58 -53.20 -13.02
CA MET B 275 0.30 -53.98 -11.82
C MET B 275 -0.39 -53.09 -10.78
N TYR B 276 -1.73 -53.14 -10.71
CA TYR B 276 -2.53 -52.36 -9.78
C TYR B 276 -2.55 -53.01 -8.40
N ILE B 277 -2.07 -52.29 -7.38
CA ILE B 277 -1.97 -52.74 -5.99
C ILE B 277 -3.10 -52.12 -5.16
N GLU B 278 -3.82 -52.96 -4.39
CA GLU B 278 -4.91 -52.57 -3.51
C GLU B 278 -4.58 -52.89 -2.03
N VAL B 279 -5.57 -52.80 -1.12
CA VAL B 279 -5.42 -53.08 0.32
C VAL B 279 -6.61 -53.94 0.78
N ASP B 280 -6.33 -55.09 1.45
CA ASP B 280 -7.35 -56.00 1.97
C ASP B 280 -8.06 -55.39 3.18
N ARG B 285 -2.67 -59.06 2.89
CA ARG B 285 -3.03 -57.65 2.87
C ARG B 285 -2.35 -56.89 1.69
N GLU B 286 -1.76 -57.64 0.74
CA GLU B 286 -1.07 -57.09 -0.43
C GLU B 286 -2.03 -56.91 -1.61
N LYS B 287 -2.44 -58.02 -2.27
CA LYS B 287 -3.37 -58.09 -3.43
C LYS B 287 -2.92 -57.29 -4.67
N VAL B 288 -2.46 -58.01 -5.70
CA VAL B 288 -1.98 -57.42 -6.96
C VAL B 288 -2.89 -57.83 -8.14
N THR B 289 -3.37 -56.84 -8.90
CA THR B 289 -4.24 -57.03 -10.07
C THR B 289 -3.53 -56.51 -11.33
N VAL B 290 -3.13 -57.42 -12.21
CA VAL B 290 -2.42 -57.12 -13.46
C VAL B 290 -3.40 -56.80 -14.61
N MET B 291 -3.17 -55.67 -15.30
CA MET B 291 -4.02 -55.20 -16.41
C MET B 291 -3.24 -55.08 -17.71
N SER B 292 -3.63 -55.87 -18.73
CA SER B 292 -3.00 -55.87 -20.05
C SER B 292 -3.43 -54.64 -20.86
N THR B 293 -4.70 -54.22 -20.71
CA THR B 293 -5.27 -53.06 -21.39
C THR B 293 -6.16 -52.23 -20.46
N ILE B 294 -5.94 -50.90 -20.47
CA ILE B 294 -6.71 -49.95 -19.65
C ILE B 294 -7.54 -49.07 -20.58
N ASN B 295 -8.87 -49.23 -20.52
CA ASN B 295 -9.83 -48.49 -21.34
C ASN B 295 -10.21 -47.16 -20.69
N PRO B 296 -10.31 -46.04 -21.46
CA PRO B 296 -10.69 -44.76 -20.85
C PRO B 296 -12.14 -44.75 -20.36
N THR B 297 -12.30 -44.77 -19.03
CA THR B 297 -13.61 -44.80 -18.35
C THR B 297 -14.00 -43.44 -17.75
N LYS B 298 -13.00 -42.62 -17.37
CA LYS B 298 -13.20 -41.30 -16.78
C LYS B 298 -13.79 -40.30 -17.78
N ASP B 299 -15.09 -39.96 -17.59
CA ASP B 299 -15.81 -39.01 -18.42
C ASP B 299 -15.59 -37.61 -17.86
N LEU B 300 -14.57 -36.92 -18.41
CA LEU B 300 -14.17 -35.57 -18.00
C LEU B 300 -15.26 -34.52 -18.26
N LEU B 301 -16.04 -34.68 -19.35
CA LEU B 301 -17.12 -33.78 -19.74
C LEU B 301 -18.29 -33.85 -18.74
N ALA B 302 -18.73 -35.08 -18.39
CA ALA B 302 -19.82 -35.33 -17.45
C ALA B 302 -19.52 -34.83 -16.03
N ASP B 303 -18.24 -34.93 -15.61
CA ASP B 303 -17.78 -34.48 -14.29
C ASP B 303 -17.75 -32.96 -14.20
N LEU B 304 -17.37 -32.27 -15.31
CA LEU B 304 -17.33 -30.81 -15.38
C LEU B 304 -18.74 -30.21 -15.41
N ILE B 305 -19.67 -30.85 -16.17
CA ILE B 305 -21.06 -30.44 -16.30
C ILE B 305 -21.81 -30.63 -14.96
N GLY B 306 -21.77 -31.86 -14.43
CA GLY B 306 -22.41 -32.23 -13.18
C GLY B 306 -23.93 -32.22 -13.27
N CYS B 307 -24.59 -31.62 -12.26
CA CYS B 307 -26.05 -31.51 -12.20
C CYS B 307 -26.51 -30.07 -12.50
N GLN B 308 -25.65 -29.29 -13.19
CA GLN B 308 -25.90 -27.89 -13.56
C GLN B 308 -27.00 -27.75 -14.62
N ARG B 309 -26.67 -28.03 -15.91
CA ARG B 309 -27.56 -27.94 -17.09
C ARG B 309 -28.15 -26.52 -17.24
N LEU B 310 -27.28 -25.48 -17.15
CA LEU B 310 -27.70 -24.08 -17.22
C LEU B 310 -27.69 -23.41 -18.65
N PRO B 311 -26.96 -22.31 -18.99
CA PRO B 311 -27.11 -21.75 -20.35
C PRO B 311 -26.11 -22.27 -21.40
N GLU B 312 -26.37 -21.94 -22.67
CA GLU B 312 -25.55 -22.33 -23.83
C GLU B 312 -24.19 -21.62 -23.84
N ASP B 313 -24.14 -20.33 -23.41
CA ASP B 313 -22.91 -19.53 -23.37
C ASP B 313 -21.89 -20.09 -22.37
N GLN B 314 -22.37 -20.65 -21.25
CA GLN B 314 -21.52 -21.25 -20.22
C GLN B 314 -21.13 -22.68 -20.62
N ARG B 315 -22.07 -23.45 -21.22
CA ARG B 315 -21.87 -24.83 -21.69
C ARG B 315 -20.80 -24.92 -22.77
N LYS B 316 -20.75 -23.93 -23.68
CA LYS B 316 -19.77 -23.84 -24.77
C LYS B 316 -18.35 -23.67 -24.20
N LYS B 317 -18.22 -22.88 -23.12
CA LYS B 317 -16.97 -22.62 -22.43
C LYS B 317 -16.48 -23.85 -21.63
N VAL B 318 -17.43 -24.71 -21.18
CA VAL B 318 -17.13 -25.94 -20.45
C VAL B 318 -16.45 -26.93 -21.40
N HIS B 319 -16.98 -27.07 -22.63
CA HIS B 319 -16.43 -27.93 -23.69
C HIS B 319 -15.03 -27.47 -24.09
N GLN B 320 -14.80 -26.14 -24.11
CA GLN B 320 -13.51 -25.52 -24.41
C GLN B 320 -12.50 -25.79 -23.29
N LEU B 321 -12.97 -25.83 -22.02
CA LEU B 321 -12.14 -26.14 -20.85
C LEU B 321 -11.78 -27.63 -20.90
N LYS B 322 -12.76 -28.50 -21.23
CA LYS B 322 -12.62 -29.94 -21.39
C LYS B 322 -11.51 -30.27 -22.41
N ASP B 323 -11.53 -29.60 -23.58
CA ASP B 323 -10.56 -29.77 -24.65
C ASP B 323 -9.16 -29.31 -24.21
N LEU B 324 -9.09 -28.19 -23.45
CA LEU B 324 -7.85 -27.63 -22.91
C LEU B 324 -7.23 -28.61 -21.92
N LEU B 325 -8.07 -29.25 -21.06
CA LEU B 325 -7.63 -30.24 -20.08
C LEU B 325 -7.11 -31.51 -20.74
N ASP B 326 -7.72 -31.92 -21.89
CA ASP B 326 -7.28 -33.10 -22.66
C ASP B 326 -5.87 -32.89 -23.23
N GLN B 327 -5.53 -31.65 -23.62
CA GLN B 327 -4.23 -31.28 -24.17
C GLN B 327 -3.17 -31.18 -23.07
N ILE B 328 -3.57 -30.75 -21.87
CA ILE B 328 -2.68 -30.64 -20.70
C ILE B 328 -2.43 -32.03 -20.11
N LEU B 329 -3.49 -32.83 -19.92
CA LEU B 329 -3.40 -34.15 -19.30
C LEU B 329 -2.82 -35.28 -20.14
N MET B 330 -1.99 -34.94 -21.15
CA MET B 330 -1.32 -35.94 -21.99
C MET B 330 -0.26 -36.63 -21.14
N LEU B 331 -0.37 -37.98 -21.03
CA LEU B 331 0.53 -38.83 -20.24
C LEU B 331 2.01 -38.63 -20.60
N ASP B 332 2.32 -38.45 -21.90
CA ASP B 332 3.66 -38.19 -22.40
C ASP B 332 3.91 -36.66 -22.39
N PRO B 333 5.02 -36.17 -21.78
CA PRO B 333 5.26 -34.71 -21.74
C PRO B 333 5.66 -34.09 -23.07
N ALA B 334 6.16 -34.89 -24.03
CA ALA B 334 6.57 -34.43 -25.36
C ALA B 334 5.35 -34.10 -26.23
N LYS B 335 4.23 -34.83 -26.01
CA LYS B 335 2.96 -34.66 -26.74
C LYS B 335 2.02 -33.70 -25.99
N ARG B 336 2.49 -33.08 -24.90
CA ARG B 336 1.76 -32.15 -24.05
C ARG B 336 1.76 -30.74 -24.67
N ILE B 337 0.66 -29.99 -24.45
CA ILE B 337 0.46 -28.62 -24.93
C ILE B 337 1.51 -27.65 -24.37
N SER B 338 2.01 -26.72 -25.20
CA SER B 338 3.02 -25.73 -24.80
C SER B 338 2.38 -24.54 -24.07
N ILE B 339 3.23 -23.72 -23.41
CA ILE B 339 2.84 -22.52 -22.66
C ILE B 339 2.13 -21.46 -23.51
N ASN B 340 2.63 -21.23 -24.74
CA ASN B 340 2.06 -20.26 -25.69
C ASN B 340 0.77 -20.76 -26.32
N GLN B 341 0.70 -22.06 -26.63
CA GLN B 341 -0.48 -22.71 -27.23
C GLN B 341 -1.66 -22.73 -26.25
N ALA B 342 -1.38 -22.91 -24.94
CA ALA B 342 -2.39 -22.91 -23.87
C ALA B 342 -2.93 -21.50 -23.65
N LEU B 343 -2.07 -20.48 -23.83
CA LEU B 343 -2.43 -19.06 -23.70
C LEU B 343 -3.25 -18.58 -24.91
N GLN B 344 -3.10 -19.26 -26.07
CA GLN B 344 -3.80 -18.96 -27.31
C GLN B 344 -5.03 -19.88 -27.53
N HIS B 345 -5.34 -20.76 -26.55
CA HIS B 345 -6.47 -21.69 -26.60
C HIS B 345 -7.81 -20.97 -26.64
N ALA B 346 -8.81 -21.60 -27.30
CA ALA B 346 -10.19 -21.10 -27.47
C ALA B 346 -10.91 -20.79 -26.16
N PHE B 347 -10.54 -21.47 -25.05
CA PHE B 347 -11.12 -21.26 -23.73
C PHE B 347 -10.71 -19.91 -23.14
N ILE B 348 -9.47 -19.48 -23.40
CA ILE B 348 -8.91 -18.20 -22.92
C ILE B 348 -9.25 -17.07 -23.91
N GLN B 349 -9.03 -17.32 -25.21
CA GLN B 349 -9.27 -16.36 -26.30
C GLN B 349 -10.75 -16.08 -26.59
N GLU B 350 -11.67 -16.90 -26.03
CA GLU B 350 -13.14 -16.84 -26.14
C GLU B 350 -13.74 -16.96 -27.56
CAB 1EH C . -7.51 15.75 -5.92
CAE 1EH C . -8.78 15.23 -5.61
CL 1EH C . -8.99 13.52 -5.46
NAH 1EH C . -9.83 16.06 -5.42
CAF 1EH C . -9.70 17.38 -5.52
CAC 1EH C . -8.47 17.96 -5.83
CAA 1EH C . -7.36 17.14 -6.00
CAD 1EH C . -6.01 17.75 -6.39
NAG 1EH C . -4.95 17.57 -5.37
CAM 1EH C . -4.23 16.45 -5.27
OAP 1EH C . -4.39 15.47 -5.99
CAL 1EH C . -3.12 16.47 -4.21
SAK 1EH C . -2.17 15.15 -3.80
CAO 1EH C . -2.68 17.53 -3.54
CAN 1EH C . -1.65 17.27 -2.70
CAJ 1EH C . -1.20 16.01 -2.70
CAV 1EH C . -0.16 15.40 -1.98
CAY 1EH C . -0.27 14.04 -1.63
CAX 1EH C . 0.75 13.40 -0.93
CAT 1EH C . 1.91 14.09 -0.61
CAQ 1EH C . 2.04 15.43 -0.99
SAS 1EH C . 3.28 16.55 -0.73
CAR 1EH C . 1.01 16.11 -1.68
CAU 1EH C . 1.33 17.41 -1.93
CAW 1EH C . 2.52 17.82 -1.50
CAZ 1EH C . 3.11 19.22 -1.63
OBB 1EH C . 4.13 19.54 -1.01
NBA 1EH C . 2.45 20.05 -2.44
S SO4 D . 11.57 0.18 0.15
O1 SO4 D . 12.18 -1.04 0.66
O2 SO4 D . 11.39 0.07 -1.31
O3 SO4 D . 12.43 1.32 0.44
O4 SO4 D . 10.27 0.37 0.78
S SO4 E . 3.68 38.96 1.56
O1 SO4 E . 2.68 38.07 0.97
O2 SO4 E . 4.16 39.90 0.54
O3 SO4 E . 3.08 39.70 2.68
O4 SO4 E . 4.81 38.16 2.06
S SO4 F . 5.20 16.31 25.02
O1 SO4 F . 4.42 15.14 24.62
O2 SO4 F . 6.31 16.51 24.09
O3 SO4 F . 4.33 17.50 25.01
O4 SO4 F . 5.72 16.10 26.37
S SO4 G . 3.68 9.86 23.54
O1 SO4 G . 2.37 10.34 23.07
O2 SO4 G . 4.67 10.00 22.47
O3 SO4 G . 3.56 8.45 23.93
O4 SO4 G . 4.08 10.66 24.70
CAB 1EH H . -8.11 -15.14 4.88
CAE 1EH H . -9.29 -14.70 4.25
CL 1EH H . -9.50 -13.02 3.92
NAH 1EH H . -10.25 -15.59 3.92
CAF 1EH H . -10.11 -16.89 4.17
CAC 1EH H . -8.96 -17.39 4.77
CAA 1EH H . -7.92 -16.50 5.11
CAD 1EH H . -6.67 -17.02 5.82
NAG 1EH H . -5.46 -17.01 4.97
CAM 1EH H . -4.83 -15.90 4.59
OAP 1EH H . -5.20 -14.77 4.91
CAL 1EH H . -3.55 -16.08 3.77
SAK 1EH H . -2.53 -14.82 3.36
CAO 1EH H . -3.00 -17.22 3.34
CAN 1EH H . -1.84 -17.06 2.67
CAJ 1EH H . -1.38 -15.79 2.60
CAV 1EH H . -0.25 -15.24 1.97
CAY 1EH H . -0.28 -13.91 1.54
CAX 1EH H . 0.82 -13.32 0.91
CAT 1EH H . 1.96 -14.09 0.70
CAQ 1EH H . 2.00 -15.42 1.10
SAS 1EH H . 3.22 -16.57 0.99
CAR 1EH H . 0.90 -16.03 1.75
CAU 1EH H . 1.15 -17.32 2.07
CAW 1EH H . 2.35 -17.79 1.74
CAZ 1EH H . 2.86 -19.21 1.97
OBB 1EH H . 3.80 -19.67 1.31
NBA 1EH H . 2.23 -19.91 2.92
S SO4 I . 3.96 -38.73 -0.90
O1 SO4 I . 3.30 -39.43 -2.01
O2 SO4 I . 5.01 -37.85 -1.43
O3 SO4 I . 2.97 -37.92 -0.19
O4 SO4 I . 4.54 -39.71 0.02
S SO4 J . 8.64 -16.32 -24.80
O1 SO4 J . 8.52 -17.56 -25.55
O2 SO4 J . 9.97 -15.74 -25.03
O3 SO4 J . 7.62 -15.37 -25.26
O4 SO4 J . 8.47 -16.58 -23.38
#